data_2Y8T
#
_entry.id   2Y8T
#
_cell.length_a   69.860
_cell.length_b   96.380
_cell.length_c   78.350
_cell.angle_alpha   90.00
_cell.angle_beta   115.64
_cell.angle_gamma   90.00
#
_symmetry.space_group_name_H-M   'P 1 21 1'
#
loop_
_entity.id
_entity.type
_entity.pdbx_description
1 polymer 'APICAL MEMBRANE ANTIGEN, PUTATIVE'
2 polymer 'RHOPTRY NECK PROTEIN 2'
3 non-polymer 2-acetamido-2-deoxy-beta-D-glucopyranose
4 non-polymer 'BORIC ACID'
5 water water
#
loop_
_entity_poly.entity_id
_entity_poly.type
_entity_poly.pdbx_seq_one_letter_code
_entity_poly.pdbx_strand_id
1 'polypeptide(L)'
;GSAMGSASTSGNPFQANVEMKTFMERFNLTHHHQSGIYVDLGQDKEVDGTLYREPAGLCPIWGKHIELQQPDRPPYRNNF
LEDVPTEKEYKQSGNPLPGGFNLNFVTPSGQRISPFPMELLEKNSNIKASTDLGRCAEFAFKTVAMDKNNKATKYRYPFV
YDSKKRLCHILYVSMQLMEGKKYCSVKGEPPDLTWYCFKPRKSVTENHHLIYGSAYVGENPDAFISKCPNQALRGYRFGV
WKKGRCLDYTELTDTVIERVESKAQCWVKTFENDGVASDQPHTYPLTSQASWNDWWPLHQSDQPHSGGVGRNYGFYYVDT
TGEGKCALSDQVPDCLVSDSAAVSYTAAGSLSEETPNFIIPSNPSVTPPTPETALQCTADKFPDSFGACDVQACKRQKTS
CVGGQIQSTSVDCTADEQNECGSNTAAALVPR
;
A,D
2 'polypeptide(L)' DIVQHMEDIGGAPPVSCVTNEILGVTCAPQAIAKAT(9AT) B,E
#
loop_
_chem_comp.id
_chem_comp.type
_chem_comp.name
_chem_comp.formula
BO3 non-polymer 'BORIC ACID' 'B H3 O3'
NAG D-saccharide, beta linking 2-acetamido-2-deoxy-beta-D-glucopyranose 'C8 H15 N O6'
#
# COMPACT_ATOMS: atom_id res chain seq x y z
N SER A 10 23.93 -21.58 20.37
CA SER A 10 22.89 -20.69 20.96
C SER A 10 23.36 -19.26 21.31
N GLY A 11 22.50 -18.49 21.99
CA GLY A 11 22.61 -17.03 21.90
C GLY A 11 22.07 -16.64 20.51
N ASN A 12 20.97 -17.27 20.09
CA ASN A 12 20.21 -16.87 18.87
C ASN A 12 19.61 -15.49 19.04
N PRO A 13 20.14 -14.47 18.33
CA PRO A 13 19.61 -13.13 18.49
C PRO A 13 18.11 -13.03 18.19
N PHE A 14 17.57 -13.94 17.39
CA PHE A 14 16.18 -13.82 17.00
C PHE A 14 15.26 -14.49 18.03
N GLN A 15 15.88 -15.08 19.05
CA GLN A 15 15.10 -15.64 20.15
C GLN A 15 15.43 -14.93 21.49
N ALA A 16 16.10 -13.78 21.41
CA ALA A 16 16.78 -13.22 22.59
C ALA A 16 15.83 -12.56 23.61
N ASN A 17 14.63 -12.20 23.18
CA ASN A 17 13.72 -11.50 24.07
C ASN A 17 12.25 -11.59 23.63
N VAL A 18 11.33 -11.38 24.57
CA VAL A 18 9.90 -11.51 24.28
C VAL A 18 9.49 -10.94 22.91
N GLU A 19 9.89 -9.71 22.62
CA GLU A 19 9.43 -8.97 21.45
C GLU A 19 9.93 -9.59 20.13
N MET A 20 11.17 -10.09 20.16
CA MET A 20 11.78 -10.77 19.04
C MET A 20 11.08 -12.14 18.81
N LYS A 21 10.78 -12.83 19.91
CA LYS A 21 10.13 -14.12 19.81
C LYS A 21 8.71 -13.99 19.22
N THR A 22 7.99 -12.99 19.70
CA THR A 22 6.69 -12.66 19.19
C THR A 22 6.75 -12.31 17.69
N PHE A 23 7.73 -11.49 17.33
CA PHE A 23 7.94 -11.18 15.94
C PHE A 23 8.17 -12.45 15.10
N MET A 24 9.10 -13.31 15.52
CA MET A 24 9.46 -14.44 14.65
C MET A 24 8.28 -15.45 14.60
N GLU A 25 7.41 -15.40 15.62
CA GLU A 25 6.31 -16.37 15.68
C GLU A 25 5.27 -16.13 14.61
N ARG A 26 5.22 -14.92 14.05
CA ARG A 26 4.26 -14.65 12.96
C ARG A 26 4.54 -15.49 11.70
N PHE A 27 5.79 -15.99 11.59
CA PHE A 27 6.16 -16.89 10.51
C PHE A 27 5.81 -18.35 10.74
N ASN A 28 5.23 -18.73 11.87
CA ASN A 28 5.06 -20.15 12.09
C ASN A 28 3.64 -20.55 11.80
N LEU A 29 3.43 -21.05 10.59
CA LEU A 29 2.09 -21.36 10.11
C LEU A 29 1.56 -22.59 10.79
N THR A 30 2.38 -23.42 11.44
CA THR A 30 1.78 -24.49 12.25
C THR A 30 1.25 -23.97 13.59
N HIS A 31 1.70 -22.80 14.03
CA HIS A 31 1.35 -22.20 15.35
C HIS A 31 -0.01 -21.52 15.27
N HIS A 32 -0.19 -20.56 14.35
CA HIS A 32 -1.46 -19.79 14.37
C HIS A 32 -2.41 -20.27 13.27
N HIS A 33 -1.93 -20.39 12.02
CA HIS A 33 -2.83 -20.80 10.92
C HIS A 33 -3.44 -22.19 11.18
N GLN A 34 -2.57 -23.21 11.38
CA GLN A 34 -2.95 -24.53 11.94
C GLN A 34 -3.83 -25.35 11.03
N SER A 35 -3.70 -25.13 9.73
CA SER A 35 -4.50 -25.96 8.83
C SER A 35 -3.84 -25.93 7.44
N GLY A 36 -4.51 -26.49 6.44
CA GLY A 36 -3.89 -26.54 5.13
C GLY A 36 -3.92 -25.14 4.56
N ILE A 37 -3.04 -24.93 3.57
CA ILE A 37 -2.92 -23.65 2.89
C ILE A 37 -3.38 -23.72 1.43
N TYR A 38 -2.85 -24.68 0.70
CA TYR A 38 -3.14 -24.82 -0.73
C TYR A 38 -4.60 -25.29 -0.83
N VAL A 39 -4.91 -26.34 -0.09
CA VAL A 39 -6.29 -26.76 0.24
C VAL A 39 -6.46 -26.77 1.78
N ASP A 40 -7.41 -25.95 2.27
CA ASP A 40 -7.79 -25.88 3.68
C ASP A 40 -9.15 -26.57 3.91
N LEU A 41 -9.06 -27.75 4.55
CA LEU A 41 -10.27 -28.51 4.95
C LEU A 41 -9.96 -29.08 6.33
N GLY A 42 -9.63 -28.23 7.28
CA GLY A 42 -9.01 -28.75 8.49
C GLY A 42 -9.96 -29.24 9.55
N GLN A 43 -11.26 -29.01 9.38
CA GLN A 43 -12.28 -29.24 10.42
C GLN A 43 -13.39 -30.07 9.84
N ASP A 44 -14.18 -30.71 10.70
CA ASP A 44 -15.33 -31.50 10.28
C ASP A 44 -16.52 -31.02 11.07
N LYS A 45 -17.65 -30.85 10.38
CA LYS A 45 -18.88 -30.36 11.02
C LYS A 45 -20.08 -31.17 10.56
N GLU A 46 -20.99 -31.42 11.50
CA GLU A 46 -22.18 -32.23 11.27
C GLU A 46 -23.28 -31.29 10.80
N VAL A 47 -23.88 -31.57 9.67
CA VAL A 47 -25.11 -30.91 9.28
C VAL A 47 -26.09 -32.04 8.91
N ASP A 48 -27.21 -32.03 9.63
CA ASP A 48 -28.30 -32.97 9.39
C ASP A 48 -27.80 -34.39 9.42
N GLY A 49 -26.94 -34.69 10.40
CA GLY A 49 -26.48 -36.06 10.62
C GLY A 49 -25.37 -36.53 9.68
N THR A 50 -24.88 -35.67 8.77
CA THR A 50 -23.73 -36.02 7.93
C THR A 50 -22.59 -35.11 8.31
N LEU A 51 -21.41 -35.69 8.36
CA LEU A 51 -20.20 -34.93 8.64
C LEU A 51 -19.65 -34.35 7.34
N TYR A 52 -19.27 -33.07 7.36
CA TYR A 52 -18.68 -32.41 6.22
C TYR A 52 -17.33 -31.78 6.61
N ARG A 53 -16.44 -31.72 5.64
CA ARG A 53 -15.15 -31.06 5.83
C ARG A 53 -15.32 -29.53 5.77
N GLU A 54 -14.52 -28.81 6.55
CA GLU A 54 -14.72 -27.40 6.66
C GLU A 54 -13.36 -26.67 6.64
N PRO A 55 -13.23 -25.59 5.82
CA PRO A 55 -11.98 -24.77 5.87
C PRO A 55 -11.87 -24.18 7.30
N ALA A 56 -10.68 -24.17 7.87
CA ALA A 56 -10.52 -23.98 9.28
C ALA A 56 -9.37 -23.03 9.60
N GLY A 57 -8.53 -22.69 8.63
CA GLY A 57 -7.29 -21.97 8.97
C GLY A 57 -7.48 -20.58 9.50
N LEU A 58 -6.60 -20.17 10.39
CA LEU A 58 -6.74 -18.89 11.08
C LEU A 58 -6.10 -17.69 10.37
N CYS A 59 -5.29 -17.95 9.35
CA CYS A 59 -4.59 -16.85 8.61
C CYS A 59 -5.21 -16.65 7.24
N PRO A 60 -5.34 -15.38 6.78
CA PRO A 60 -5.75 -15.14 5.42
C PRO A 60 -4.60 -15.52 4.44
N ILE A 61 -5.00 -16.06 3.29
CA ILE A 61 -4.09 -16.50 2.23
C ILE A 61 -4.17 -15.46 1.10
N TRP A 62 -3.15 -14.64 1.05
CA TRP A 62 -3.06 -13.49 0.14
C TRP A 62 -2.81 -13.92 -1.30
N GLY A 63 -3.65 -13.51 -2.24
CA GLY A 63 -3.41 -13.79 -3.65
C GLY A 63 -4.07 -15.12 -4.08
N LYS A 64 -4.54 -15.94 -3.12
CA LYS A 64 -5.12 -17.25 -3.44
C LYS A 64 -6.47 -17.09 -4.14
N HIS A 65 -6.58 -17.71 -5.30
CA HIS A 65 -7.89 -17.80 -6.01
C HIS A 65 -8.10 -19.20 -6.58
N ILE A 66 -9.34 -19.52 -6.94
CA ILE A 66 -9.57 -20.81 -7.49
C ILE A 66 -9.75 -20.68 -8.98
N GLU A 67 -8.83 -21.25 -9.74
CA GLU A 67 -8.90 -21.15 -11.22
C GLU A 67 -9.78 -22.29 -11.79
N LEU A 68 -10.72 -21.93 -12.67
CA LEU A 68 -11.76 -22.82 -13.15
C LEU A 68 -11.38 -23.28 -14.56
N GLN A 69 -11.90 -24.42 -14.99
CA GLN A 69 -11.62 -24.91 -16.33
C GLN A 69 -12.93 -25.11 -17.14
N GLN A 70 -13.79 -24.11 -17.15
CA GLN A 70 -15.03 -24.17 -17.92
C GLN A 70 -14.68 -23.95 -19.41
N PRO A 71 -15.63 -24.28 -20.29
CA PRO A 71 -15.42 -23.98 -21.70
C PRO A 71 -15.13 -22.51 -21.86
N ASP A 72 -14.33 -22.18 -22.86
CA ASP A 72 -14.11 -20.79 -23.17
C ASP A 72 -15.19 -20.25 -24.10
N ARG A 73 -16.38 -20.04 -23.55
CA ARG A 73 -17.52 -19.45 -24.29
C ARG A 73 -18.64 -19.10 -23.34
N PRO A 74 -19.51 -18.16 -23.76
CA PRO A 74 -20.70 -17.82 -23.01
C PRO A 74 -21.56 -19.05 -22.85
N PRO A 75 -22.26 -19.21 -21.70
CA PRO A 75 -22.41 -18.29 -20.58
C PRO A 75 -21.28 -18.45 -19.52
N TYR A 76 -20.26 -19.27 -19.80
CA TYR A 76 -19.16 -19.54 -18.84
C TYR A 76 -18.19 -18.37 -18.72
N ARG A 77 -17.98 -17.91 -17.48
CA ARG A 77 -17.05 -16.80 -17.27
C ARG A 77 -15.70 -17.21 -16.67
N ASN A 78 -15.53 -18.47 -16.34
CA ASN A 78 -14.31 -18.91 -15.65
C ASN A 78 -13.86 -17.98 -14.52
N ASN A 79 -14.77 -17.70 -13.60
CA ASN A 79 -14.43 -16.77 -12.53
C ASN A 79 -15.14 -17.27 -11.29
N PHE A 80 -14.40 -17.84 -10.34
CA PHE A 80 -14.98 -18.38 -9.12
C PHE A 80 -15.83 -17.41 -8.29
N LEU A 81 -15.70 -16.12 -8.56
CA LEU A 81 -16.43 -15.12 -7.79
C LEU A 81 -17.84 -14.87 -8.35
N GLU A 82 -18.14 -15.43 -9.51
CA GLU A 82 -19.52 -15.42 -10.09
C GLU A 82 -20.45 -16.26 -9.21
N ASP A 83 -21.69 -15.85 -9.09
CA ASP A 83 -22.73 -16.62 -8.38
C ASP A 83 -22.71 -18.08 -8.75
N VAL A 84 -22.95 -18.96 -7.78
CA VAL A 84 -23.33 -20.34 -8.04
C VAL A 84 -24.51 -20.40 -9.01
N PRO A 85 -24.57 -21.46 -9.84
CA PRO A 85 -25.56 -21.51 -10.92
C PRO A 85 -26.91 -21.93 -10.37
N THR A 86 -27.93 -21.38 -10.97
CA THR A 86 -29.29 -21.73 -10.67
C THR A 86 -29.61 -23.01 -11.48
N GLU A 87 -30.56 -23.84 -11.03
CA GLU A 87 -30.93 -25.01 -11.86
C GLU A 87 -31.37 -24.58 -13.29
N LYS A 88 -32.09 -23.47 -13.40
CA LYS A 88 -32.47 -23.00 -14.71
C LYS A 88 -31.26 -22.61 -15.58
N GLU A 89 -30.26 -21.96 -14.99
CA GLU A 89 -29.05 -21.64 -15.73
C GLU A 89 -28.33 -22.87 -16.26
N TYR A 90 -28.28 -23.93 -15.49
CA TYR A 90 -27.55 -25.14 -15.88
C TYR A 90 -28.29 -25.91 -17.02
N LYS A 91 -29.61 -25.89 -16.93
CA LYS A 91 -30.47 -26.34 -18.01
C LYS A 91 -30.15 -25.61 -19.29
N GLN A 92 -29.95 -24.28 -19.23
CA GLN A 92 -29.69 -23.47 -20.43
C GLN A 92 -28.26 -23.65 -20.95
N SER A 93 -27.27 -23.74 -20.06
CA SER A 93 -25.86 -23.93 -20.46
C SER A 93 -25.56 -25.33 -20.98
N GLY A 94 -26.17 -26.35 -20.39
CA GLY A 94 -25.70 -27.71 -20.55
C GLY A 94 -24.44 -27.94 -19.70
N ASN A 95 -23.83 -29.09 -19.85
CA ASN A 95 -22.62 -29.41 -19.08
C ASN A 95 -21.39 -28.71 -19.60
N PRO A 96 -20.47 -28.33 -18.68
CA PRO A 96 -20.58 -28.49 -17.23
C PRO A 96 -21.35 -27.33 -16.56
N LEU A 97 -21.51 -27.43 -15.25
CA LEU A 97 -22.03 -26.29 -14.44
C LEU A 97 -21.44 -24.96 -14.81
N PRO A 98 -22.30 -23.97 -15.05
CA PRO A 98 -21.83 -22.63 -15.33
C PRO A 98 -21.66 -21.89 -14.01
N GLY A 99 -21.43 -20.59 -14.10
CA GLY A 99 -21.34 -19.77 -12.91
C GLY A 99 -20.06 -20.02 -12.09
N GLY A 100 -20.08 -19.63 -10.81
CA GLY A 100 -18.85 -19.68 -9.97
C GLY A 100 -19.15 -20.24 -8.58
N PHE A 101 -18.48 -19.76 -7.51
CA PHE A 101 -18.64 -20.36 -6.15
C PHE A 101 -19.38 -19.41 -5.22
N ASN A 102 -19.67 -18.21 -5.69
CA ASN A 102 -20.22 -17.15 -4.82
C ASN A 102 -21.62 -17.44 -4.30
N LEU A 103 -21.82 -17.27 -3.01
CA LEU A 103 -23.12 -17.48 -2.40
C LEU A 103 -24.11 -16.45 -2.91
N ASN A 104 -25.22 -16.89 -3.49
CA ASN A 104 -26.15 -15.95 -4.07
C ASN A 104 -27.40 -15.67 -3.21
N PHE A 105 -27.35 -15.93 -1.92
CA PHE A 105 -28.59 -15.86 -1.14
C PHE A 105 -28.97 -14.40 -0.84
N VAL A 106 -30.25 -14.19 -0.54
CA VAL A 106 -30.78 -12.82 -0.32
C VAL A 106 -31.72 -12.82 0.90
N THR A 107 -31.90 -11.67 1.53
CA THR A 107 -32.92 -11.56 2.58
C THR A 107 -34.30 -11.56 1.85
N PRO A 108 -35.42 -11.57 2.60
CA PRO A 108 -36.77 -11.45 1.98
C PRO A 108 -36.97 -10.21 1.08
N SER A 109 -36.37 -9.07 1.42
CA SER A 109 -36.38 -7.87 0.56
C SER A 109 -35.39 -7.86 -0.62
N GLY A 110 -34.61 -8.92 -0.78
CA GLY A 110 -33.69 -9.00 -1.89
C GLY A 110 -32.28 -8.48 -1.66
N GLN A 111 -31.90 -8.17 -0.43
CA GLN A 111 -30.51 -7.73 -0.19
C GLN A 111 -29.58 -8.95 -0.27
N ARG A 112 -28.54 -8.89 -1.10
CA ARG A 112 -27.55 -10.00 -1.19
C ARG A 112 -26.63 -10.08 0.02
N ILE A 113 -26.41 -11.29 0.53
CA ILE A 113 -25.34 -11.51 1.46
C ILE A 113 -23.95 -11.39 0.78
N SER A 114 -23.87 -11.61 -0.54
CA SER A 114 -22.52 -11.70 -1.10
C SER A 114 -22.47 -11.40 -2.61
N PRO A 115 -21.60 -10.51 -3.07
CA PRO A 115 -20.63 -9.76 -2.28
C PRO A 115 -21.29 -8.65 -1.47
N PHE A 116 -20.65 -8.34 -0.37
CA PHE A 116 -21.16 -7.38 0.57
C PHE A 116 -20.18 -6.22 0.71
N PRO A 117 -20.69 -4.99 0.68
CA PRO A 117 -19.79 -3.84 0.57
C PRO A 117 -19.12 -3.45 1.90
N MET A 118 -17.82 -3.17 1.84
CA MET A 118 -17.03 -2.91 3.06
C MET A 118 -17.60 -1.63 3.72
N GLU A 119 -18.10 -0.77 2.85
CA GLU A 119 -18.68 0.50 3.21
C GLU A 119 -19.86 0.32 4.18
N LEU A 120 -20.64 -0.75 4.02
CA LEU A 120 -21.61 -1.09 5.04
C LEU A 120 -21.01 -1.74 6.27
N LEU A 121 -19.92 -2.49 6.13
CA LEU A 121 -19.41 -3.15 7.34
C LEU A 121 -18.73 -2.17 8.28
N GLU A 122 -18.09 -1.16 7.70
CA GLU A 122 -17.38 -0.19 8.53
C GLU A 122 -18.31 0.73 9.32
N LYS A 123 -19.58 0.81 8.96
CA LYS A 123 -20.49 1.56 9.83
C LYS A 123 -21.54 0.77 10.59
N ASN A 124 -21.24 -0.51 10.86
CA ASN A 124 -22.16 -1.37 11.58
C ASN A 124 -21.71 -1.71 13.00
N SER A 125 -22.59 -1.56 13.97
CA SER A 125 -22.22 -1.71 15.40
C SER A 125 -21.89 -3.16 15.78
N ASN A 126 -22.43 -4.10 15.03
CA ASN A 126 -22.13 -5.46 15.34
C ASN A 126 -20.69 -5.82 14.91
N ILE A 127 -20.17 -5.15 13.89
CA ILE A 127 -18.83 -5.45 13.34
C ILE A 127 -17.69 -4.78 14.12
N LYS A 128 -16.94 -5.57 14.88
CA LYS A 128 -15.93 -5.02 15.81
C LYS A 128 -14.47 -4.93 15.33
N ALA A 129 -14.17 -5.60 14.21
CA ALA A 129 -12.80 -5.70 13.68
C ALA A 129 -12.21 -4.34 13.41
N SER A 130 -10.91 -4.25 13.58
CA SER A 130 -10.23 -2.96 13.37
C SER A 130 -9.70 -2.66 11.97
N THR A 131 -9.72 -3.64 11.05
CA THR A 131 -9.28 -3.43 9.70
C THR A 131 -10.34 -3.92 8.70
N ASP A 132 -10.24 -3.49 7.47
CA ASP A 132 -11.17 -3.91 6.47
C ASP A 132 -11.11 -5.42 6.20
N LEU A 133 -9.92 -5.97 6.09
CA LEU A 133 -9.82 -7.44 5.99
C LEU A 133 -10.47 -8.15 7.14
N GLY A 134 -10.24 -7.65 8.35
CA GLY A 134 -10.82 -8.21 9.58
C GLY A 134 -12.34 -8.15 9.58
N ARG A 135 -12.89 -7.08 9.03
CA ARG A 135 -14.34 -6.90 8.97
C ARG A 135 -14.93 -7.88 7.99
N CYS A 136 -14.29 -8.09 6.83
CA CYS A 136 -14.76 -9.16 5.93
C CYS A 136 -14.70 -10.51 6.65
N ALA A 137 -13.58 -10.80 7.30
CA ALA A 137 -13.42 -12.11 7.92
C ALA A 137 -14.49 -12.26 9.02
N GLU A 138 -14.78 -11.17 9.73
CA GLU A 138 -15.73 -11.25 10.84
C GLU A 138 -17.14 -11.49 10.26
N PHE A 139 -17.47 -10.81 9.20
CA PHE A 139 -18.75 -11.02 8.49
C PHE A 139 -18.90 -12.51 8.14
N ALA A 140 -17.80 -13.10 7.62
CA ALA A 140 -17.82 -14.55 7.29
C ALA A 140 -18.04 -15.41 8.56
N PHE A 141 -17.29 -15.11 9.63
CA PHE A 141 -17.43 -15.86 10.89
C PHE A 141 -18.88 -15.83 11.42
N LYS A 142 -19.51 -14.68 11.26
CA LYS A 142 -20.89 -14.35 11.75
C LYS A 142 -21.94 -14.84 10.78
N THR A 143 -21.57 -15.79 9.89
CA THR A 143 -22.54 -16.35 8.91
C THR A 143 -22.50 -17.86 9.12
N VAL A 144 -23.63 -18.53 9.39
CA VAL A 144 -23.59 -19.99 9.54
C VAL A 144 -24.65 -20.68 8.65
N ALA A 145 -24.36 -21.90 8.19
CA ALA A 145 -25.35 -22.67 7.40
C ALA A 145 -26.52 -23.04 8.31
N MET A 146 -27.73 -23.00 7.77
CA MET A 146 -28.90 -23.56 8.42
C MET A 146 -29.20 -24.95 7.82
N ASP A 147 -29.63 -25.84 8.68
CA ASP A 147 -29.92 -27.21 8.31
C ASP A 147 -31.36 -27.34 7.77
N LYS A 148 -31.80 -28.57 7.53
CA LYS A 148 -33.13 -28.79 6.92
C LYS A 148 -34.29 -28.43 7.88
N ASN A 149 -34.04 -28.30 9.18
CA ASN A 149 -35.03 -27.76 10.09
C ASN A 149 -34.96 -26.24 10.29
N ASN A 150 -34.16 -25.58 9.44
CA ASN A 150 -33.90 -24.12 9.48
C ASN A 150 -33.31 -23.71 10.81
N LYS A 151 -32.45 -24.56 11.35
CA LYS A 151 -31.70 -24.25 12.60
C LYS A 151 -30.25 -23.98 12.24
N ALA A 152 -29.64 -23.03 12.94
CA ALA A 152 -28.23 -22.66 12.75
C ALA A 152 -27.38 -23.86 13.07
N THR A 153 -26.33 -24.09 12.29
CA THR A 153 -25.36 -25.12 12.62
C THR A 153 -24.09 -24.45 13.06
N LYS A 154 -22.99 -25.20 13.10
CA LYS A 154 -21.67 -24.60 13.30
C LYS A 154 -20.81 -24.67 12.04
N TYR A 155 -21.46 -24.88 10.90
CA TYR A 155 -20.69 -24.99 9.65
C TYR A 155 -20.63 -23.57 9.05
N ARG A 156 -19.43 -23.16 8.63
CA ARG A 156 -19.18 -21.82 8.06
C ARG A 156 -18.45 -21.91 6.73
N TYR A 157 -18.98 -21.24 5.72
CA TYR A 157 -18.31 -21.15 4.43
C TYR A 157 -17.07 -20.23 4.47
N PRO A 158 -16.06 -20.49 3.59
CA PRO A 158 -14.90 -19.62 3.47
C PRO A 158 -15.27 -18.34 2.74
N PHE A 159 -14.36 -17.36 2.79
CA PHE A 159 -14.56 -16.06 2.20
C PHE A 159 -13.42 -15.67 1.29
N VAL A 160 -13.71 -14.72 0.42
CA VAL A 160 -12.66 -14.04 -0.31
C VAL A 160 -12.92 -12.57 -0.13
N TYR A 161 -11.92 -11.85 0.36
CA TYR A 161 -11.95 -10.38 0.29
C TYR A 161 -11.39 -9.86 -1.04
N ASP A 162 -12.16 -9.03 -1.76
CA ASP A 162 -11.63 -8.34 -2.94
C ASP A 162 -11.24 -6.94 -2.45
N SER A 163 -9.96 -6.75 -2.25
CA SER A 163 -9.50 -5.50 -1.68
C SER A 163 -9.43 -4.42 -2.76
N LYS A 164 -9.48 -4.78 -4.04
CA LYS A 164 -9.59 -3.77 -5.12
C LYS A 164 -11.00 -3.15 -5.19
N LYS A 165 -12.05 -3.99 -5.18
CA LYS A 165 -13.41 -3.47 -5.25
C LYS A 165 -13.99 -3.20 -3.88
N ARG A 166 -13.26 -3.55 -2.81
CA ARG A 166 -13.77 -3.46 -1.45
C ARG A 166 -15.10 -4.23 -1.27
N LEU A 167 -15.08 -5.51 -1.66
CA LEU A 167 -16.25 -6.36 -1.55
C LEU A 167 -15.89 -7.63 -0.76
N CYS A 168 -16.76 -7.99 0.17
CA CYS A 168 -16.64 -9.26 0.93
C CYS A 168 -17.47 -10.40 0.28
N HIS A 169 -16.80 -11.45 -0.25
CA HIS A 169 -17.51 -12.61 -0.80
C HIS A 169 -17.51 -13.78 0.19
N ILE A 170 -18.67 -14.41 0.31
CA ILE A 170 -18.80 -15.70 0.96
C ILE A 170 -18.94 -16.76 -0.14
N LEU A 171 -18.20 -17.84 -0.05
CA LEU A 171 -18.27 -18.89 -1.11
C LEU A 171 -19.15 -20.02 -0.66
N TYR A 172 -20.19 -20.33 -1.43
CA TYR A 172 -21.02 -21.51 -1.15
C TYR A 172 -20.25 -22.82 -1.41
N VAL A 173 -19.23 -22.75 -2.25
CA VAL A 173 -18.45 -23.95 -2.57
C VAL A 173 -17.17 -23.84 -1.73
N SER A 174 -17.00 -24.78 -0.80
CA SER A 174 -15.82 -24.92 0.03
C SER A 174 -14.76 -25.86 -0.61
N MET A 175 -15.12 -26.57 -1.68
CA MET A 175 -14.10 -27.33 -2.42
C MET A 175 -13.05 -26.37 -3.00
N GLN A 176 -11.81 -26.83 -3.11
CA GLN A 176 -10.73 -25.95 -3.61
C GLN A 176 -9.96 -26.64 -4.72
N LEU A 177 -10.14 -27.95 -4.82
CA LEU A 177 -9.41 -28.73 -5.83
C LEU A 177 -10.24 -29.87 -6.39
N MET A 178 -10.49 -29.78 -7.67
CA MET A 178 -11.16 -30.86 -8.32
C MET A 178 -10.50 -31.30 -9.57
N GLU A 179 -10.16 -32.58 -9.64
CA GLU A 179 -9.31 -33.13 -10.73
C GLU A 179 -9.66 -34.60 -10.91
N GLY A 180 -9.20 -35.17 -12.01
CA GLY A 180 -9.55 -36.56 -12.35
C GLY A 180 -10.59 -36.61 -13.46
N LYS A 181 -10.25 -37.22 -14.60
CA LYS A 181 -11.21 -37.15 -15.74
C LYS A 181 -12.45 -37.99 -15.53
N LYS A 182 -12.44 -38.86 -14.55
CA LYS A 182 -13.68 -39.50 -14.13
C LYS A 182 -14.65 -38.56 -13.41
N TYR A 183 -14.17 -37.42 -12.90
CA TYR A 183 -15.06 -36.45 -12.21
C TYR A 183 -15.29 -35.08 -12.81
N CYS A 184 -14.35 -34.57 -13.63
CA CYS A 184 -14.52 -33.21 -14.06
C CYS A 184 -13.85 -33.07 -15.41
N SER A 185 -14.37 -32.12 -16.18
CA SER A 185 -13.91 -31.82 -17.51
C SER A 185 -12.98 -30.61 -17.53
N VAL A 186 -12.05 -30.62 -18.49
CA VAL A 186 -11.20 -29.49 -18.74
C VAL A 186 -11.68 -28.82 -20.04
N LYS A 187 -12.18 -27.59 -19.94
CA LYS A 187 -12.73 -26.89 -21.11
C LYS A 187 -13.79 -27.69 -21.87
N GLY A 188 -14.69 -28.32 -21.13
CA GLY A 188 -15.82 -29.07 -21.71
C GLY A 188 -15.50 -30.45 -22.25
N GLU A 189 -14.30 -30.94 -21.97
CA GLU A 189 -13.89 -32.25 -22.44
C GLU A 189 -13.47 -33.07 -21.24
N PRO A 190 -14.07 -34.26 -21.05
CA PRO A 190 -15.23 -34.87 -21.73
C PRO A 190 -16.54 -34.09 -21.50
N PRO A 191 -17.42 -33.99 -22.51
CA PRO A 191 -18.62 -33.11 -22.44
C PRO A 191 -19.80 -33.68 -21.61
N ASP A 192 -19.62 -34.90 -21.15
CA ASP A 192 -20.66 -35.54 -20.40
C ASP A 192 -20.59 -35.21 -18.90
N LEU A 193 -19.59 -34.44 -18.45
CA LEU A 193 -19.33 -34.41 -17.00
C LEU A 193 -20.00 -33.20 -16.38
N THR A 194 -20.58 -33.38 -15.22
CA THR A 194 -21.24 -32.28 -14.55
C THR A 194 -20.29 -31.17 -14.07
N TRP A 195 -19.16 -31.53 -13.48
CA TRP A 195 -18.23 -30.52 -12.94
C TRP A 195 -17.17 -30.18 -13.92
N TYR A 196 -16.75 -28.90 -13.95
CA TYR A 196 -15.48 -28.52 -14.60
C TYR A 196 -14.36 -28.73 -13.55
N CYS A 197 -13.12 -28.96 -13.99
CA CYS A 197 -11.99 -29.02 -13.04
C CYS A 197 -11.59 -27.66 -12.54
N PHE A 198 -11.01 -27.63 -11.36
CA PHE A 198 -10.53 -26.38 -10.83
C PHE A 198 -9.39 -26.64 -9.82
N LYS A 199 -8.58 -25.62 -9.54
CA LYS A 199 -7.50 -25.79 -8.55
C LYS A 199 -7.10 -24.44 -7.97
N PRO A 200 -6.46 -24.46 -6.79
CA PRO A 200 -6.03 -23.16 -6.26
C PRO A 200 -4.84 -22.66 -7.05
N ARG A 201 -4.71 -21.33 -7.19
CA ARG A 201 -3.57 -20.74 -7.87
CA ARG A 201 -3.57 -20.73 -7.90
C ARG A 201 -3.12 -19.46 -7.18
N LYS A 202 -1.84 -19.12 -7.34
CA LYS A 202 -1.45 -17.73 -7.12
C LYS A 202 -0.77 -17.40 -8.43
N SER A 203 -0.75 -16.12 -8.79
CA SER A 203 -0.27 -15.74 -10.11
C SER A 203 0.78 -14.62 -10.00
N VAL A 204 1.77 -14.61 -10.89
CA VAL A 204 2.80 -13.55 -10.80
C VAL A 204 2.23 -12.17 -11.06
N THR A 205 1.15 -12.09 -11.86
CA THR A 205 0.52 -10.80 -12.15
C THR A 205 -0.92 -10.62 -11.62
N GLU A 206 -1.71 -11.69 -11.67
CA GLU A 206 -3.17 -11.54 -11.53
C GLU A 206 -3.66 -11.81 -10.11
N ASN A 207 -4.72 -11.11 -9.68
CA ASN A 207 -5.48 -11.42 -8.46
C ASN A 207 -4.70 -11.34 -7.16
N HIS A 208 -3.68 -10.49 -7.12
CA HIS A 208 -3.03 -10.21 -5.86
C HIS A 208 -3.99 -9.54 -4.89
N HIS A 209 -5.01 -8.86 -5.41
CA HIS A 209 -5.94 -8.17 -4.53
C HIS A 209 -7.00 -9.11 -3.92
N LEU A 210 -7.01 -10.39 -4.30
CA LEU A 210 -7.96 -11.32 -3.69
C LEU A 210 -7.31 -11.98 -2.48
N ILE A 211 -8.04 -12.07 -1.37
CA ILE A 211 -7.49 -12.79 -0.18
C ILE A 211 -8.51 -13.85 0.24
N TYR A 212 -8.08 -15.11 0.30
CA TYR A 212 -8.97 -16.25 0.53
C TYR A 212 -8.77 -16.63 1.99
N GLY A 213 -9.83 -16.91 2.72
CA GLY A 213 -9.61 -17.45 4.05
C GLY A 213 -10.77 -18.29 4.52
N SER A 214 -10.50 -19.12 5.50
CA SER A 214 -11.62 -19.76 6.21
C SER A 214 -12.41 -18.75 7.04
N ALA A 215 -13.69 -19.05 7.36
CA ALA A 215 -14.47 -18.07 8.15
C ALA A 215 -13.79 -17.88 9.50
N TYR A 216 -12.98 -18.86 9.90
CA TYR A 216 -12.33 -18.83 11.23
C TYR A 216 -11.25 -17.76 11.36
N VAL A 217 -10.87 -17.18 10.25
CA VAL A 217 -10.12 -15.91 10.36
C VAL A 217 -10.87 -14.79 11.07
N GLY A 218 -12.20 -14.81 10.99
CA GLY A 218 -13.00 -13.81 11.69
C GLY A 218 -13.37 -14.09 13.15
N GLU A 219 -12.96 -15.23 13.68
CA GLU A 219 -13.32 -15.66 15.06
C GLU A 219 -12.72 -14.68 16.07
N ASN A 220 -11.44 -14.37 15.86
CA ASN A 220 -10.80 -13.27 16.60
C ASN A 220 -10.16 -12.35 15.57
N PRO A 221 -10.96 -11.43 15.00
CA PRO A 221 -10.70 -10.81 13.69
C PRO A 221 -9.56 -9.81 13.63
N ASP A 222 -8.95 -9.49 14.79
CA ASP A 222 -7.74 -8.65 14.78
C ASP A 222 -6.52 -9.50 14.99
N ALA A 223 -6.72 -10.77 15.27
CA ALA A 223 -5.58 -11.59 15.56
C ALA A 223 -4.64 -11.75 14.36
N PHE A 224 -5.15 -11.72 13.12
CA PHE A 224 -4.26 -12.11 12.01
C PHE A 224 -3.19 -11.05 11.89
N ILE A 225 -3.47 -9.83 12.36
CA ILE A 225 -2.49 -8.75 12.18
C ILE A 225 -1.15 -9.00 12.87
N SER A 226 -1.16 -9.63 14.04
CA SER A 226 0.11 -9.90 14.72
C SER A 226 0.55 -11.37 14.67
N LYS A 227 -0.33 -12.29 14.23
CA LYS A 227 0.02 -13.70 14.29
C LYS A 227 0.24 -14.40 12.96
N CYS A 228 0.08 -13.68 11.85
CA CYS A 228 0.15 -14.27 10.48
C CYS A 228 1.23 -13.57 9.73
N PRO A 229 1.93 -14.27 8.81
CA PRO A 229 2.95 -13.62 8.04
C PRO A 229 2.31 -12.98 6.81
N ASN A 230 1.65 -11.87 7.02
CA ASN A 230 0.84 -11.30 5.94
C ASN A 230 1.69 -10.79 4.77
N GLN A 231 2.83 -10.16 5.07
CA GLN A 231 3.63 -9.55 4.00
C GLN A 231 4.95 -10.32 3.77
N ALA A 232 5.49 -10.19 2.57
CA ALA A 232 6.79 -10.71 2.26
C ALA A 232 7.78 -9.92 3.15
N LEU A 233 8.91 -10.53 3.45
CA LEU A 233 9.90 -9.90 4.29
C LEU A 233 11.16 -9.56 3.44
N ARG A 234 11.36 -8.27 3.18
CA ARG A 234 12.46 -7.82 2.37
CA ARG A 234 12.48 -7.85 2.35
C ARG A 234 13.75 -7.78 3.18
N GLY A 235 14.86 -8.26 2.60
CA GLY A 235 16.18 -7.99 3.23
C GLY A 235 16.75 -9.08 4.09
N TYR A 236 16.05 -10.21 4.15
CA TYR A 236 16.42 -11.32 5.02
C TYR A 236 16.03 -12.61 4.34
N ARG A 237 16.83 -13.66 4.55
CA ARG A 237 16.46 -15.01 4.19
C ARG A 237 16.10 -15.78 5.46
N PHE A 238 15.06 -16.60 5.38
CA PHE A 238 14.63 -17.37 6.56
C PHE A 238 15.75 -18.39 6.79
N GLY A 239 15.94 -18.77 8.05
CA GLY A 239 16.88 -19.83 8.34
C GLY A 239 16.52 -20.51 9.67
N VAL A 240 17.36 -21.47 10.03
CA VAL A 240 17.16 -22.19 11.29
C VAL A 240 18.48 -22.12 12.07
N TRP A 241 18.39 -22.12 13.38
CA TRP A 241 19.57 -21.86 14.20
C TRP A 241 20.11 -23.21 14.52
N LYS A 242 21.32 -23.50 14.04
CA LYS A 242 21.96 -24.79 14.28
C LYS A 242 23.47 -24.56 14.39
N LYS A 243 24.11 -25.40 15.22
CA LYS A 243 25.55 -25.32 15.52
C LYS A 243 25.98 -23.88 15.80
N GLY A 244 25.24 -23.13 16.61
CA GLY A 244 25.65 -21.78 16.99
C GLY A 244 25.55 -20.64 15.94
N ARG A 245 24.77 -20.85 14.89
CA ARG A 245 24.74 -19.82 13.85
C ARG A 245 23.42 -19.98 13.03
N CYS A 246 23.03 -18.95 12.32
CA CYS A 246 21.80 -19.03 11.52
C CYS A 246 22.15 -19.62 10.17
N LEU A 247 21.60 -20.80 9.87
CA LEU A 247 21.75 -21.38 8.56
C LEU A 247 20.51 -21.05 7.74
N ASP A 248 20.69 -20.31 6.65
CA ASP A 248 19.57 -20.09 5.75
C ASP A 248 19.25 -21.38 5.02
N TYR A 249 18.08 -21.45 4.38
CA TYR A 249 17.65 -22.68 3.77
C TYR A 249 18.67 -23.25 2.77
N THR A 250 19.45 -22.40 2.09
CA THR A 250 20.38 -22.97 1.10
C THR A 250 21.42 -23.93 1.75
N GLU A 251 21.56 -23.86 3.06
CA GLU A 251 22.55 -24.73 3.71
C GLU A 251 21.92 -26.03 4.14
N LEU A 252 20.60 -26.15 3.95
CA LEU A 252 19.89 -27.35 4.42
C LEU A 252 19.72 -28.37 3.30
N THR A 253 20.02 -29.63 3.61
CA THR A 253 19.89 -30.74 2.65
C THR A 253 18.54 -30.92 1.93
N ASP A 254 17.43 -30.85 2.63
CA ASP A 254 16.14 -31.11 1.97
C ASP A 254 15.55 -29.89 1.23
N THR A 255 16.22 -28.76 1.32
CA THR A 255 15.83 -27.57 0.59
C THR A 255 15.75 -27.75 -0.94
N VAL A 256 14.68 -27.24 -1.52
CA VAL A 256 14.50 -27.29 -2.96
C VAL A 256 14.98 -25.94 -3.46
N ILE A 257 15.93 -25.93 -4.41
CA ILE A 257 16.44 -24.67 -4.95
C ILE A 257 16.30 -24.74 -6.47
N GLU A 258 15.69 -23.69 -7.05
CA GLU A 258 15.42 -23.57 -8.51
C GLU A 258 15.89 -22.19 -8.98
N ARG A 259 16.34 -22.05 -10.24
CA ARG A 259 16.50 -20.71 -10.83
C ARG A 259 15.14 -20.13 -11.14
N VAL A 260 14.97 -18.85 -10.90
CA VAL A 260 13.73 -18.20 -11.25
C VAL A 260 14.04 -16.91 -11.98
N GLU A 261 13.11 -16.46 -12.81
CA GLU A 261 13.36 -15.22 -13.54
C GLU A 261 12.98 -14.01 -12.70
N SER A 262 12.17 -14.18 -11.66
CA SER A 262 11.73 -13.01 -10.84
C SER A 262 11.39 -13.42 -9.42
N LYS A 263 11.45 -12.43 -8.52
CA LYS A 263 10.99 -12.70 -7.16
C LYS A 263 9.56 -13.18 -7.12
N ALA A 264 8.69 -12.65 -7.97
CA ALA A 264 7.29 -13.08 -7.90
C ALA A 264 7.14 -14.55 -8.15
N GLN A 265 7.98 -15.13 -9.02
CA GLN A 265 7.83 -16.53 -9.30
C GLN A 265 8.16 -17.34 -8.03
N CYS A 266 9.14 -16.93 -7.27
CA CYS A 266 9.39 -17.58 -6.00
C CYS A 266 8.20 -17.53 -5.04
N TRP A 267 7.55 -16.36 -4.91
CA TRP A 267 6.37 -16.24 -4.07
C TRP A 267 5.29 -17.23 -4.51
N VAL A 268 5.08 -17.30 -5.82
CA VAL A 268 4.09 -18.27 -6.32
C VAL A 268 4.53 -19.70 -5.98
N LYS A 269 5.82 -20.04 -6.15
CA LYS A 269 6.28 -21.41 -5.77
C LYS A 269 6.10 -21.79 -4.31
N THR A 270 6.16 -20.84 -3.36
CA THR A 270 5.98 -21.22 -1.94
C THR A 270 4.57 -21.72 -1.73
N PHE A 271 3.63 -21.30 -2.60
CA PHE A 271 2.24 -21.72 -2.50
C PHE A 271 1.94 -22.94 -3.37
N GLU A 272 2.53 -22.98 -4.57
CA GLU A 272 2.17 -24.02 -5.53
C GLU A 272 3.00 -25.28 -5.48
N ASN A 273 4.11 -25.33 -4.71
CA ASN A 273 5.06 -26.46 -4.85
C ASN A 273 4.39 -27.71 -4.30
N ASP A 274 4.88 -28.91 -4.68
CA ASP A 274 4.17 -30.16 -4.27
C ASP A 274 4.24 -30.54 -2.78
N GLY A 275 4.98 -29.80 -1.96
CA GLY A 275 4.99 -30.08 -0.51
C GLY A 275 4.22 -29.08 0.38
N VAL A 276 3.53 -28.10 -0.22
CA VAL A 276 2.84 -27.04 0.55
C VAL A 276 1.81 -27.74 1.44
N ALA A 277 1.57 -27.22 2.64
CA ALA A 277 0.55 -27.78 3.53
C ALA A 277 -0.78 -27.89 2.81
N SER A 278 -1.35 -29.08 2.76
CA SER A 278 -2.58 -29.19 2.07
C SER A 278 -3.41 -30.25 2.71
N ASP A 279 -4.76 -30.10 2.69
CA ASP A 279 -5.65 -31.08 3.36
C ASP A 279 -6.38 -31.98 2.34
N GLN A 280 -5.96 -31.88 1.07
CA GLN A 280 -6.64 -32.59 -0.03
C GLN A 280 -6.27 -34.09 0.01
N PRO A 281 -7.26 -35.01 -0.20
CA PRO A 281 -6.98 -36.47 -0.19
C PRO A 281 -5.80 -36.83 -1.10
N ASP A 302 -9.88 -40.86 2.43
CA ASP A 302 -8.67 -40.19 2.94
C ASP A 302 -8.91 -38.70 3.19
N GLN A 303 -8.67 -38.22 4.41
CA GLN A 303 -8.92 -36.82 4.74
C GLN A 303 -7.78 -36.24 5.58
N PRO A 304 -6.67 -35.91 4.94
CA PRO A 304 -5.51 -35.48 5.70
C PRO A 304 -5.75 -34.15 6.37
N HIS A 305 -5.19 -33.98 7.56
CA HIS A 305 -5.23 -32.70 8.25
C HIS A 305 -3.74 -32.32 8.36
N SER A 306 -3.27 -31.43 7.50
CA SER A 306 -1.84 -31.05 7.56
C SER A 306 -1.51 -30.35 8.85
N GLY A 307 -2.49 -29.65 9.43
CA GLY A 307 -2.20 -28.77 10.58
C GLY A 307 -1.28 -27.60 10.20
N GLY A 308 -1.18 -27.24 8.90
CA GLY A 308 -0.24 -26.17 8.46
C GLY A 308 1.22 -26.59 8.32
N VAL A 309 1.52 -27.87 8.57
CA VAL A 309 2.84 -28.43 8.26
C VAL A 309 3.05 -28.65 6.79
N GLY A 310 4.19 -28.18 6.28
CA GLY A 310 4.49 -28.36 4.89
C GLY A 310 5.61 -27.41 4.47
N ARG A 311 5.97 -27.55 3.21
CA ARG A 311 7.02 -26.74 2.57
CA ARG A 311 7.01 -26.75 2.57
C ARG A 311 6.38 -25.40 2.21
N ASN A 312 6.26 -24.53 3.20
CA ASN A 312 5.44 -23.36 3.01
C ASN A 312 6.30 -22.11 2.92
N TYR A 313 7.61 -22.27 3.04
CA TYR A 313 8.50 -21.14 3.33
C TYR A 313 9.52 -21.04 2.21
N GLY A 314 9.91 -19.81 1.88
CA GLY A 314 10.96 -19.73 0.88
C GLY A 314 11.50 -18.34 0.77
N PHE A 315 12.55 -18.17 -0.04
CA PHE A 315 13.03 -16.84 -0.29
C PHE A 315 13.64 -16.80 -1.69
N TYR A 316 13.47 -15.64 -2.31
CA TYR A 316 14.23 -15.28 -3.50
C TYR A 316 15.57 -14.73 -3.05
N TYR A 317 16.66 -15.13 -3.72
CA TYR A 317 17.96 -14.54 -3.48
C TYR A 317 18.78 -14.50 -4.80
N VAL A 318 19.83 -13.69 -4.79
CA VAL A 318 20.75 -13.71 -5.93
C VAL A 318 21.99 -14.42 -5.38
N ASP A 319 22.40 -15.52 -5.98
CA ASP A 319 23.54 -16.27 -5.42
C ASP A 319 24.84 -15.58 -5.77
N THR A 320 25.96 -16.16 -5.31
CA THR A 320 27.21 -15.47 -5.41
C THR A 320 27.64 -15.21 -6.88
N THR A 321 27.04 -15.90 -7.85
CA THR A 321 27.45 -15.74 -9.26
C THR A 321 26.48 -14.87 -10.02
N GLY A 322 25.50 -14.32 -9.29
CA GLY A 322 24.57 -13.38 -9.88
C GLY A 322 23.30 -14.04 -10.41
N GLU A 323 23.08 -15.32 -10.17
CA GLU A 323 21.81 -15.95 -10.64
C GLU A 323 20.70 -15.76 -9.59
N GLY A 324 19.50 -15.49 -10.07
CA GLY A 324 18.31 -15.38 -9.22
C GLY A 324 17.81 -16.78 -8.96
N LYS A 325 17.68 -17.11 -7.67
CA LYS A 325 17.20 -18.37 -7.25
C LYS A 325 16.11 -18.28 -6.18
N CYS A 326 15.42 -19.41 -6.01
CA CYS A 326 14.32 -19.55 -5.05
C CYS A 326 14.62 -20.80 -4.22
N ALA A 327 14.71 -20.65 -2.89
CA ALA A 327 14.96 -21.78 -1.98
C ALA A 327 13.64 -22.07 -1.24
N LEU A 328 13.17 -23.32 -1.21
CA LEU A 328 11.89 -23.62 -0.55
C LEU A 328 12.16 -24.65 0.52
N SER A 329 11.52 -24.50 1.68
CA SER A 329 11.77 -25.42 2.78
C SER A 329 10.50 -25.63 3.59
N ASP A 330 10.43 -26.77 4.30
CA ASP A 330 9.37 -27.01 5.27
C ASP A 330 9.77 -26.65 6.68
N GLN A 331 11.00 -26.17 6.87
CA GLN A 331 11.47 -25.83 8.23
C GLN A 331 10.99 -24.46 8.63
N VAL A 332 10.17 -24.39 9.69
CA VAL A 332 9.70 -23.11 10.20
C VAL A 332 10.93 -22.28 10.58
N PRO A 333 10.93 -20.99 10.20
CA PRO A 333 12.12 -20.18 10.47
C PRO A 333 12.24 -19.82 11.95
N ASP A 334 13.41 -19.98 12.54
CA ASP A 334 13.66 -19.41 13.85
C ASP A 334 14.85 -18.46 13.89
N CYS A 335 15.43 -18.10 12.74
CA CYS A 335 16.37 -16.94 12.68
C CYS A 335 16.32 -16.43 11.23
N LEU A 336 17.07 -15.34 10.95
CA LEU A 336 17.12 -14.72 9.63
C LEU A 336 18.59 -14.42 9.31
N VAL A 337 18.93 -14.52 8.03
CA VAL A 337 20.22 -14.12 7.53
C VAL A 337 19.95 -12.85 6.70
N SER A 338 20.69 -11.79 7.01
CA SER A 338 20.61 -10.46 6.36
C SER A 338 21.06 -10.61 4.92
N ASP A 339 20.31 -10.06 3.97
CA ASP A 339 20.74 -10.07 2.56
C ASP A 339 19.88 -9.07 1.82
N SER A 340 20.42 -7.89 1.52
CA SER A 340 19.53 -6.80 1.08
C SER A 340 18.82 -7.08 -0.25
N ALA A 341 19.30 -8.05 -0.99
CA ALA A 341 18.71 -8.39 -2.29
C ALA A 341 17.80 -9.60 -2.11
N ALA A 342 17.64 -10.10 -0.89
CA ALA A 342 16.70 -11.24 -0.77
C ALA A 342 15.28 -10.85 -0.33
N VAL A 343 14.30 -11.72 -0.59
CA VAL A 343 12.92 -11.48 -0.04
C VAL A 343 12.35 -12.84 0.42
N SER A 344 11.92 -12.94 1.68
CA SER A 344 11.40 -14.20 2.21
C SER A 344 9.84 -14.19 2.16
N TYR A 345 9.34 -15.29 1.59
CA TYR A 345 7.90 -15.43 1.33
C TYR A 345 7.35 -16.60 2.07
N THR A 346 6.03 -16.60 2.27
CA THR A 346 5.40 -17.85 2.66
C THR A 346 4.18 -18.13 1.77
N ALA A 347 3.72 -19.39 1.81
CA ALA A 347 2.50 -19.85 1.13
C ALA A 347 1.25 -19.01 1.52
N ALA A 348 1.22 -18.49 2.75
CA ALA A 348 0.09 -17.67 3.20
C ALA A 348 0.18 -16.20 2.79
N GLY A 349 1.40 -15.63 2.74
CA GLY A 349 1.51 -14.18 2.65
C GLY A 349 1.45 -13.60 1.24
N SER A 350 1.57 -12.27 1.16
CA SER A 350 1.44 -11.54 -0.11
C SER A 350 2.82 -11.36 -0.76
N LEU A 351 2.77 -10.90 -1.99
CA LEU A 351 4.00 -10.59 -2.72
C LEU A 351 4.51 -9.28 -2.20
N SER A 352 3.55 -8.47 -1.79
CA SER A 352 3.83 -7.14 -1.24
C SER A 352 4.70 -7.19 0.00
N GLU A 353 5.62 -6.21 0.12
CA GLU A 353 6.61 -6.20 1.17
C GLU A 353 6.25 -5.17 2.23
N GLU A 354 5.18 -4.45 1.98
CA GLU A 354 4.75 -3.36 2.81
C GLU A 354 3.32 -3.57 3.21
N THR A 355 2.98 -3.13 4.41
CA THR A 355 1.63 -3.22 4.99
C THR A 355 0.56 -2.46 4.21
N PRO A 356 -0.44 -3.16 3.65
CA PRO A 356 -1.38 -2.32 2.88
C PRO A 356 -2.39 -1.62 3.78
N ASN A 357 -2.97 -0.52 3.29
CA ASN A 357 -3.96 0.24 4.08
C ASN A 357 -5.15 -0.53 4.65
N PHE A 358 -5.62 -1.54 3.95
CA PHE A 358 -6.78 -2.28 4.46
C PHE A 358 -6.50 -3.26 5.64
N ILE A 359 -5.24 -3.35 6.07
CA ILE A 359 -4.93 -4.08 7.31
C ILE A 359 -4.24 -3.20 8.37
N ILE A 360 -4.43 -1.89 8.25
CA ILE A 360 -3.93 -0.99 9.32
C ILE A 360 -5.11 -0.61 10.22
N PRO A 361 -5.01 -0.83 11.55
CA PRO A 361 -6.16 -0.59 12.40
C PRO A 361 -6.65 0.85 12.34
N SER A 362 -7.98 1.03 12.36
CA SER A 362 -8.64 2.34 12.48
C SER A 362 -7.96 3.21 13.55
N ASN A 363 -7.88 2.61 14.74
CA ASN A 363 -7.10 3.11 15.88
C ASN A 363 -5.68 3.53 15.49
N PRO A 368 1.11 -3.46 16.45
CA PRO A 368 1.97 -4.57 15.99
C PRO A 368 3.22 -4.03 15.28
N PRO A 369 4.43 -4.34 15.80
CA PRO A 369 5.62 -3.71 15.22
C PRO A 369 6.03 -4.31 13.86
N THR A 370 6.53 -3.45 12.97
CA THR A 370 6.95 -3.89 11.63
C THR A 370 8.25 -4.66 11.79
N PRO A 371 8.68 -5.34 10.70
CA PRO A 371 10.04 -5.89 10.73
C PRO A 371 11.08 -4.81 11.04
N GLU A 372 10.92 -3.61 10.45
CA GLU A 372 11.90 -2.55 10.65
C GLU A 372 12.04 -2.22 12.13
N THR A 373 10.89 -2.10 12.82
CA THR A 373 10.83 -1.91 14.30
C THR A 373 11.36 -3.06 15.17
N ALA A 374 10.94 -4.30 14.89
CA ALA A 374 11.42 -5.47 15.64
C ALA A 374 12.92 -5.73 15.44
N LEU A 375 13.41 -5.37 14.26
CA LEU A 375 14.77 -5.65 13.86
C LEU A 375 15.70 -4.45 14.03
N GLN A 376 15.18 -3.36 14.62
CA GLN A 376 15.96 -2.15 14.83
C GLN A 376 17.09 -2.30 15.86
N CYS A 377 18.19 -1.61 15.61
CA CYS A 377 19.27 -1.54 16.57
C CYS A 377 19.98 -0.19 16.40
N THR A 378 20.75 0.21 17.40
CA THR A 378 21.64 1.36 17.23
C THR A 378 23.09 0.91 17.42
N ALA A 379 23.98 1.41 16.57
CA ALA A 379 25.34 0.91 16.52
C ALA A 379 26.05 0.90 17.88
N ASP A 380 25.93 1.97 18.66
CA ASP A 380 26.65 2.02 19.95
C ASP A 380 26.00 1.24 21.10
N LYS A 381 24.83 0.67 20.85
CA LYS A 381 24.17 -0.17 21.84
C LYS A 381 24.15 -1.65 21.43
N PHE A 382 24.62 -1.93 20.22
CA PHE A 382 24.50 -3.26 19.67
C PHE A 382 25.83 -3.69 19.04
N PRO A 383 26.79 -4.12 19.89
CA PRO A 383 28.12 -4.41 19.38
C PRO A 383 28.14 -5.68 18.53
N ASP A 384 29.08 -5.76 17.61
CA ASP A 384 29.36 -6.99 16.89
C ASP A 384 29.52 -8.18 17.86
N SER A 385 28.89 -9.33 17.57
CA SER A 385 29.28 -10.59 18.20
C SER A 385 29.57 -11.65 17.19
N PHE A 386 30.54 -12.50 17.55
CA PHE A 386 30.89 -13.64 16.75
C PHE A 386 30.68 -14.91 17.54
N GLY A 387 30.05 -15.91 16.96
CA GLY A 387 29.89 -17.15 17.70
C GLY A 387 31.06 -18.08 17.43
N ALA A 388 30.97 -19.30 17.95
CA ALA A 388 32.07 -20.28 17.84
C ALA A 388 32.11 -20.83 16.44
N CYS A 389 33.30 -21.26 16.01
CA CYS A 389 33.42 -21.79 14.67
C CYS A 389 32.62 -23.06 14.59
N ASP A 390 31.82 -23.21 13.54
CA ASP A 390 31.19 -24.46 13.17
C ASP A 390 32.19 -25.15 12.24
N VAL A 391 32.92 -26.13 12.78
CA VAL A 391 34.11 -26.68 12.13
C VAL A 391 33.77 -27.61 10.97
N GLN A 392 32.52 -28.04 10.92
CA GLN A 392 31.96 -28.78 9.82
C GLN A 392 31.89 -27.92 8.55
N ALA A 393 31.48 -26.66 8.71
CA ALA A 393 31.34 -25.78 7.55
C ALA A 393 32.49 -24.81 7.47
N CYS A 394 33.26 -24.74 8.56
CA CYS A 394 34.23 -23.70 8.81
C CYS A 394 33.69 -22.28 8.68
N LYS A 395 32.61 -21.99 9.40
CA LYS A 395 31.98 -20.69 9.38
C LYS A 395 31.57 -20.35 10.79
N ARG A 396 31.47 -19.06 11.10
CA ARG A 396 30.87 -18.62 12.34
C ARG A 396 29.81 -17.52 12.20
N GLN A 397 28.93 -17.45 13.18
CA GLN A 397 27.92 -16.38 13.18
C GLN A 397 28.56 -15.03 13.47
N LYS A 398 28.10 -13.99 12.74
CA LYS A 398 28.39 -12.61 13.06
C LYS A 398 27.07 -11.86 13.14
N THR A 399 26.85 -11.18 14.24
CA THR A 399 25.62 -10.42 14.43
C THR A 399 26.09 -9.01 14.67
N SER A 400 25.55 -8.05 13.93
CA SER A 400 25.97 -6.66 14.02
C SER A 400 24.84 -5.72 13.67
N CYS A 401 25.07 -4.43 13.86
CA CYS A 401 24.10 -3.39 13.49
C CYS A 401 24.66 -2.65 12.28
N VAL A 402 23.89 -2.62 11.18
CA VAL A 402 24.27 -1.90 9.96
C VAL A 402 23.00 -1.19 9.51
N GLY A 403 23.09 0.12 9.38
CA GLY A 403 21.95 0.87 8.84
C GLY A 403 20.79 0.79 9.77
N GLY A 404 21.09 0.71 11.06
CA GLY A 404 20.08 0.73 12.09
C GLY A 404 19.28 -0.54 12.21
N GLN A 405 19.77 -1.62 11.57
CA GLN A 405 19.02 -2.86 11.52
C GLN A 405 19.97 -3.96 11.85
N ILE A 406 19.45 -5.01 12.47
CA ILE A 406 20.25 -6.16 12.85
C ILE A 406 20.73 -6.94 11.63
N GLN A 407 22.02 -7.19 11.56
CA GLN A 407 22.61 -8.07 10.55
C GLN A 407 23.01 -9.35 11.17
N SER A 408 22.81 -10.40 10.38
CA SER A 408 23.05 -11.73 10.80
C SER A 408 23.62 -12.48 9.63
N THR A 409 24.90 -12.87 9.72
CA THR A 409 25.52 -13.60 8.64
C THR A 409 26.52 -14.65 9.19
N SER A 410 27.02 -15.50 8.30
CA SER A 410 28.05 -16.45 8.66
C SER A 410 29.30 -16.02 7.88
N VAL A 411 30.39 -15.88 8.62
CA VAL A 411 31.67 -15.38 8.10
C VAL A 411 32.73 -16.43 8.38
N ASP A 412 33.89 -16.29 7.72
CA ASP A 412 35.06 -17.13 7.94
C ASP A 412 35.43 -17.15 9.41
N CYS A 413 36.03 -18.26 9.81
CA CYS A 413 36.53 -18.36 11.17
C CYS A 413 37.89 -17.65 11.26
N THR A 414 38.38 -17.41 12.46
CA THR A 414 39.76 -16.89 12.60
C THR A 414 40.83 -17.94 12.18
N ALA A 415 42.05 -17.45 11.95
CA ALA A 415 43.14 -18.31 11.45
C ALA A 415 43.34 -19.55 12.33
N ASP A 416 43.43 -19.34 13.63
CA ASP A 416 43.55 -20.43 14.60
C ASP A 416 42.34 -21.38 14.56
N GLU A 417 41.14 -20.79 14.44
CA GLU A 417 39.92 -21.57 14.37
C GLU A 417 40.02 -22.48 13.14
N GLN A 418 40.58 -21.96 12.04
CA GLN A 418 40.64 -22.71 10.79
C GLN A 418 41.51 -23.95 10.91
N ASN A 419 42.39 -23.94 11.89
CA ASN A 419 43.21 -25.11 12.21
C ASN A 419 42.32 -26.27 12.63
N GLU A 420 41.23 -25.91 13.29
CA GLU A 420 40.32 -26.91 13.81
C GLU A 420 39.37 -27.43 12.76
N CYS A 421 39.27 -26.73 11.63
CA CYS A 421 38.39 -27.19 10.57
C CYS A 421 39.01 -28.38 9.82
N ASP B 1 -18.27 -44.26 -2.87
CA ASP B 1 -19.18 -43.88 -4.00
C ASP B 1 -18.95 -42.38 -4.28
N ILE B 2 -19.81 -41.79 -5.09
CA ILE B 2 -19.68 -40.40 -5.42
C ILE B 2 -19.91 -39.46 -4.21
N VAL B 3 -20.82 -39.83 -3.31
CA VAL B 3 -20.99 -39.00 -2.10
C VAL B 3 -19.78 -38.99 -1.20
N GLN B 4 -19.18 -40.14 -0.93
CA GLN B 4 -17.97 -40.12 -0.14
C GLN B 4 -16.87 -39.33 -0.88
N HIS B 5 -16.70 -39.56 -2.16
CA HIS B 5 -15.62 -38.83 -2.89
C HIS B 5 -15.82 -37.29 -2.77
N MET B 6 -17.02 -36.81 -3.08
CA MET B 6 -17.32 -35.38 -2.96
C MET B 6 -17.08 -34.88 -1.55
N GLU B 7 -17.48 -35.65 -0.53
CA GLU B 7 -17.28 -35.19 0.88
C GLU B 7 -15.78 -35.07 1.20
N ASP B 8 -14.98 -36.03 0.72
CA ASP B 8 -13.55 -36.03 1.00
C ASP B 8 -12.89 -34.79 0.38
N ILE B 9 -13.44 -34.21 -0.70
CA ILE B 9 -12.76 -33.00 -1.25
C ILE B 9 -13.46 -31.68 -0.87
N GLY B 10 -14.32 -31.70 0.13
CA GLY B 10 -14.91 -30.48 0.65
C GLY B 10 -16.32 -30.19 0.12
N GLY B 11 -16.96 -31.16 -0.52
CA GLY B 11 -18.37 -31.00 -1.00
C GLY B 11 -19.26 -30.55 0.19
N ALA B 12 -20.03 -29.48 0.03
CA ALA B 12 -20.71 -28.87 1.19
C ALA B 12 -22.17 -29.37 1.41
N PRO B 13 -22.71 -29.21 2.63
CA PRO B 13 -24.09 -29.69 2.81
C PRO B 13 -25.09 -29.07 1.79
N PRO B 14 -26.17 -29.80 1.49
CA PRO B 14 -27.21 -29.20 0.63
C PRO B 14 -28.05 -28.17 1.44
N VAL B 15 -27.61 -26.91 1.38
CA VAL B 15 -28.11 -25.88 2.27
C VAL B 15 -28.86 -24.91 1.36
N SER B 16 -30.05 -24.47 1.78
CA SER B 16 -30.80 -23.41 1.03
C SER B 16 -30.73 -22.03 1.71
N CYS B 17 -30.30 -21.99 2.96
CA CYS B 17 -30.37 -20.75 3.78
C CYS B 17 -29.13 -20.64 4.67
N VAL B 18 -28.70 -19.42 4.93
CA VAL B 18 -27.66 -19.16 5.89
C VAL B 18 -28.17 -18.09 6.84
N THR B 19 -27.76 -18.08 8.11
CA THR B 19 -28.04 -16.90 8.96
C THR B 19 -26.79 -16.10 9.27
N ASN B 20 -26.90 -14.80 9.06
CA ASN B 20 -25.82 -13.85 9.21
C ASN B 20 -26.26 -12.81 10.28
N GLU B 21 -25.36 -12.47 11.19
CA GLU B 21 -25.69 -11.58 12.29
C GLU B 21 -26.05 -10.16 11.86
N ILE B 22 -25.61 -9.70 10.68
CA ILE B 22 -26.07 -8.41 10.18
C ILE B 22 -27.40 -8.46 9.43
N LEU B 23 -27.58 -9.44 8.56
CA LEU B 23 -28.75 -9.47 7.70
C LEU B 23 -29.90 -10.32 8.19
N GLY B 24 -29.65 -11.22 9.13
CA GLY B 24 -30.56 -12.26 9.49
C GLY B 24 -30.53 -13.38 8.47
N VAL B 25 -31.66 -14.05 8.33
CA VAL B 25 -31.74 -15.22 7.47
C VAL B 25 -31.70 -14.82 6.02
N THR B 26 -30.98 -15.59 5.21
CA THR B 26 -30.81 -15.24 3.83
C THR B 26 -30.94 -16.59 3.06
N CYS B 27 -31.65 -16.60 1.93
CA CYS B 27 -31.99 -17.87 1.27
C CYS B 27 -31.81 -17.72 -0.20
N ALA B 28 -31.62 -18.82 -0.92
CA ALA B 28 -31.61 -18.78 -2.37
C ALA B 28 -32.99 -18.35 -2.90
N PRO B 29 -33.04 -17.33 -3.77
CA PRO B 29 -34.33 -16.88 -4.36
C PRO B 29 -34.85 -17.80 -5.50
N GLN B 30 -34.03 -18.74 -5.95
CA GLN B 30 -34.39 -19.78 -6.98
C GLN B 30 -33.60 -21.03 -6.71
N ALA B 31 -34.10 -22.19 -7.19
CA ALA B 31 -33.42 -23.45 -6.89
C ALA B 31 -31.99 -23.41 -7.43
N ILE B 32 -31.04 -23.80 -6.58
CA ILE B 32 -29.62 -23.83 -6.98
C ILE B 32 -29.45 -25.13 -7.77
N ALA B 33 -28.61 -25.16 -8.79
CA ALA B 33 -28.31 -26.42 -9.47
C ALA B 33 -27.99 -27.54 -8.44
N LYS B 34 -28.59 -28.70 -8.68
CA LYS B 34 -28.56 -29.80 -7.72
C LYS B 34 -27.13 -30.27 -7.46
N ALA B 35 -26.39 -30.43 -8.55
CA ALA B 35 -25.00 -30.91 -8.50
C ALA B 35 -24.01 -30.01 -7.76
N THR B 36 -24.38 -28.76 -7.49
CA THR B 36 -23.48 -27.77 -6.87
C THR B 36 -23.20 -27.97 -5.37
N 9AT B 37 -24.82 -28.52 -4.70
CA 9AT B 37 -25.69 -29.23 -3.75
C 9AT B 37 -27.04 -28.47 -3.67
O 9AT B 37 -27.14 -27.31 -3.28
CB 9AT B 37 -24.96 -29.39 -2.44
OG1 9AT B 37 -24.45 -28.11 -2.11
CG2 9AT B 37 -23.78 -30.33 -2.65
NXT 9AT B 37 -28.01 -29.10 -4.32
N GLY C 11 19.48 6.62 -19.32
CA GLY C 11 19.69 8.10 -19.57
C GLY C 11 20.11 8.04 -21.02
N ASN C 12 21.00 7.11 -21.32
CA ASN C 12 20.75 6.40 -22.50
C ASN C 12 19.78 5.25 -22.17
N PRO C 13 20.13 4.31 -21.27
CA PRO C 13 19.17 3.23 -21.34
C PRO C 13 17.78 3.52 -20.76
N PHE C 14 17.66 4.52 -19.90
CA PHE C 14 16.34 4.85 -19.35
C PHE C 14 15.53 5.69 -20.36
N GLN C 15 16.06 5.78 -21.59
CA GLN C 15 15.43 6.54 -22.67
C GLN C 15 15.27 5.66 -23.91
N ALA C 16 15.43 4.35 -23.70
CA ALA C 16 15.59 3.42 -24.80
C ALA C 16 14.25 2.78 -25.19
N ASN C 17 13.21 3.09 -24.42
CA ASN C 17 11.89 2.59 -24.73
C ASN C 17 10.83 3.46 -24.10
N VAL C 18 9.60 3.36 -24.60
CA VAL C 18 8.54 4.22 -24.10
C VAL C 18 8.23 4.07 -22.59
N GLU C 19 8.23 2.84 -22.09
CA GLU C 19 7.81 2.54 -20.69
C GLU C 19 8.83 3.14 -19.68
N MET C 20 10.12 2.92 -19.96
CA MET C 20 11.26 3.45 -19.20
C MET C 20 11.27 4.97 -19.24
N LYS C 21 11.15 5.50 -20.46
CA LYS C 21 11.13 6.93 -20.70
C LYS C 21 10.05 7.59 -19.89
N THR C 22 8.82 7.10 -20.01
CA THR C 22 7.73 7.77 -19.32
C THR C 22 7.83 7.57 -17.78
N PHE C 23 8.43 6.46 -17.36
CA PHE C 23 8.79 6.21 -15.95
C PHE C 23 9.78 7.28 -15.41
N MET C 24 10.94 7.46 -16.03
CA MET C 24 11.87 8.48 -15.57
C MET C 24 11.33 9.91 -15.62
N GLU C 25 10.47 10.17 -16.62
CA GLU C 25 9.83 11.50 -16.77
C GLU C 25 8.93 11.81 -15.55
N ARG C 26 8.42 10.78 -14.87
CA ARG C 26 7.62 11.07 -13.65
C ARG C 26 8.41 11.78 -12.55
N PHE C 27 9.75 11.72 -12.63
CA PHE C 27 10.57 12.37 -11.62
C PHE C 27 10.91 13.82 -11.95
N ASN C 28 10.44 14.32 -13.08
CA ASN C 28 10.80 15.68 -13.43
C ASN C 28 9.73 16.59 -12.88
N LEU C 29 9.94 17.06 -11.65
CA LEU C 29 8.89 17.82 -11.02
C LEU C 29 8.79 19.26 -11.58
N THR C 30 9.84 19.76 -12.23
CA THR C 30 9.64 21.00 -12.98
C THR C 30 8.71 20.85 -14.18
N HIS C 31 8.74 19.70 -14.86
CA HIS C 31 7.94 19.48 -16.05
C HIS C 31 6.49 19.13 -15.73
N HIS C 32 6.31 18.25 -14.76
CA HIS C 32 4.99 17.69 -14.56
C HIS C 32 4.20 18.44 -13.47
N HIS C 33 4.83 18.70 -12.35
CA HIS C 33 4.13 19.40 -11.26
C HIS C 33 4.01 20.91 -11.51
N GLN C 34 5.15 21.52 -11.81
CA GLN C 34 5.25 22.88 -12.31
C GLN C 34 4.97 23.99 -11.31
N SER C 35 5.04 23.70 -10.03
CA SER C 35 4.73 24.76 -9.05
C SER C 35 5.48 24.46 -7.74
N GLY C 36 5.25 25.24 -6.68
CA GLY C 36 5.91 24.88 -5.40
C GLY C 36 5.37 23.59 -4.81
N ILE C 37 6.20 22.96 -3.97
CA ILE C 37 5.81 21.68 -3.36
C ILE C 37 5.60 21.85 -1.85
N TYR C 38 6.60 22.35 -1.17
CA TYR C 38 6.46 22.64 0.27
C TYR C 38 5.28 23.65 0.48
N VAL C 39 5.39 24.79 -0.21
CA VAL C 39 4.29 25.73 -0.37
C VAL C 39 4.00 25.94 -1.87
N ASP C 40 2.74 25.72 -2.25
CA ASP C 40 2.32 25.81 -3.65
C ASP C 40 1.37 26.98 -3.81
N LEU C 41 1.86 28.02 -4.50
CA LEU C 41 1.08 29.22 -4.78
C LEU C 41 1.43 29.64 -6.21
N GLY C 42 1.31 28.70 -7.17
CA GLY C 42 1.95 28.90 -8.47
C GLY C 42 1.18 29.85 -9.40
N GLN C 43 -0.10 30.05 -9.16
CA GLN C 43 -0.91 30.82 -10.13
C GLN C 43 -1.49 32.07 -9.50
N ASP C 44 -2.19 32.89 -10.30
CA ASP C 44 -2.77 34.17 -9.86
C ASP C 44 -4.13 34.29 -10.52
N LYS C 45 -5.17 34.54 -9.73
CA LYS C 45 -6.54 34.60 -10.27
C LYS C 45 -7.24 35.88 -9.76
N GLU C 46 -7.88 36.60 -10.67
CA GLU C 46 -8.65 37.81 -10.30
C GLU C 46 -9.99 37.37 -9.77
N VAL C 47 -10.33 37.83 -8.58
CA VAL C 47 -11.68 37.71 -8.07
C VAL C 47 -12.10 39.14 -7.68
N ASP C 48 -13.17 39.63 -8.33
CA ASP C 48 -13.72 40.97 -8.03
C ASP C 48 -12.64 42.03 -8.08
N GLY C 49 -11.83 42.00 -9.12
CA GLY C 49 -10.90 43.08 -9.37
C GLY C 49 -9.58 43.02 -8.64
N THR C 50 -9.43 42.08 -7.69
CA THR C 50 -8.21 41.88 -6.90
C THR C 50 -7.57 40.53 -7.26
N LEU C 51 -6.25 40.50 -7.28
CA LEU C 51 -5.46 39.35 -7.68
C LEU C 51 -5.09 38.54 -6.42
N TYR C 52 -5.32 37.22 -6.46
CA TYR C 52 -5.06 36.32 -5.33
C TYR C 52 -4.13 35.23 -5.86
N ARG C 53 -3.31 34.67 -4.97
CA ARG C 53 -2.40 33.59 -5.30
C ARG C 53 -3.19 32.30 -5.24
N GLU C 54 -2.84 31.32 -6.09
CA GLU C 54 -3.66 30.11 -6.19
C GLU C 54 -2.71 28.92 -6.22
N PRO C 55 -2.92 27.91 -5.35
CA PRO C 55 -2.23 26.64 -5.62
C PRO C 55 -2.47 26.10 -7.06
N ALA C 56 -1.43 25.56 -7.69
CA ALA C 56 -1.45 25.30 -9.15
C ALA C 56 -0.80 23.97 -9.54
N GLY C 57 -0.07 23.36 -8.60
CA GLY C 57 0.68 22.14 -8.93
C GLY C 57 -0.13 20.97 -9.44
N LEU C 58 0.42 20.27 -10.44
CA LEU C 58 -0.28 19.17 -11.12
C LEU C 58 -0.13 17.80 -10.41
N CYS C 59 0.83 17.66 -9.50
CA CYS C 59 0.97 16.38 -8.75
C CYS C 59 0.40 16.42 -7.32
N PRO C 60 -0.21 15.31 -6.88
CA PRO C 60 -0.65 15.15 -5.49
C PRO C 60 0.63 15.05 -4.63
N ILE C 61 0.60 15.66 -3.44
CA ILE C 61 1.75 15.65 -2.53
C ILE C 61 1.45 14.72 -1.37
N TRP C 62 2.10 13.56 -1.37
CA TRP C 62 1.69 12.47 -0.48
C TRP C 62 2.23 12.67 0.96
N GLY C 63 1.35 12.71 1.97
CA GLY C 63 1.73 12.83 3.36
C GLY C 63 1.79 14.28 3.85
N LYS C 64 1.71 15.23 2.91
CA LYS C 64 1.70 16.67 3.29
C LYS C 64 0.47 17.01 4.08
N HIS C 65 0.66 17.63 5.24
CA HIS C 65 -0.46 18.22 5.96
C HIS C 65 -0.02 19.54 6.58
N ILE C 66 -0.98 20.35 7.01
CA ILE C 66 -0.63 21.64 7.60
C ILE C 66 -0.76 21.55 9.12
N GLU C 67 0.35 21.75 9.82
CA GLU C 67 0.43 21.65 11.24
C GLU C 67 0.17 23.03 11.85
N LEU C 68 -0.78 23.11 12.76
CA LEU C 68 -1.29 24.36 13.35
C LEU C 68 -0.68 24.56 14.72
N GLN C 69 -0.65 25.80 15.20
CA GLN C 69 -0.12 26.07 16.55
C GLN C 69 -1.19 26.85 17.34
N GLN C 70 -2.41 26.32 17.39
CA GLN C 70 -3.47 26.94 18.23
C GLN C 70 -3.18 26.67 19.73
N PRO C 71 -3.76 27.47 20.64
CA PRO C 71 -3.57 27.16 22.08
C PRO C 71 -3.99 25.74 22.45
N ASP C 72 -3.34 25.16 23.46
CA ASP C 72 -3.45 23.72 23.70
C ASP C 72 -4.53 23.48 24.75
N ARG C 73 -5.78 23.67 24.34
CA ARG C 73 -6.91 23.72 25.26
C ARG C 73 -8.20 23.92 24.47
N PRO C 74 -9.35 23.52 25.07
CA PRO C 74 -10.60 23.70 24.33
C PRO C 74 -10.77 25.18 24.10
N PRO C 75 -11.42 25.57 22.98
CA PRO C 75 -12.03 24.74 21.93
C PRO C 75 -11.09 24.40 20.73
N TYR C 76 -9.82 24.72 20.86
CA TYR C 76 -8.86 24.51 19.77
C TYR C 76 -8.52 23.01 19.60
N ARG C 77 -8.59 22.46 18.39
CA ARG C 77 -8.11 21.05 18.25
C ARG C 77 -6.90 20.84 17.38
N ASN C 78 -6.34 21.93 16.85
CA ASN C 78 -5.09 21.88 16.12
C ASN C 78 -5.16 20.89 14.99
N ASN C 79 -6.27 20.93 14.26
CA ASN C 79 -6.43 20.02 13.17
C ASN C 79 -6.93 20.81 11.96
N PHE C 80 -6.05 20.94 10.95
CA PHE C 80 -6.34 21.72 9.75
C PHE C 80 -7.52 21.15 8.99
N LEU C 81 -7.91 19.91 9.27
CA LEU C 81 -9.08 19.32 8.57
C LEU C 81 -10.50 19.66 9.18
N GLU C 82 -10.53 20.37 10.29
CA GLU C 82 -11.75 20.88 10.91
C GLU C 82 -12.31 22.05 10.09
N ASP C 83 -13.62 22.23 10.19
CA ASP C 83 -14.31 23.33 9.57
C ASP C 83 -13.62 24.65 9.83
N VAL C 84 -13.60 25.53 8.84
CA VAL C 84 -13.31 26.96 9.12
C VAL C 84 -14.29 27.53 10.17
N PRO C 85 -13.81 28.47 11.00
CA PRO C 85 -14.62 28.95 12.11
C PRO C 85 -15.68 29.91 11.64
N THR C 86 -16.83 29.73 12.23
CA THR C 86 -17.93 30.60 12.11
C THR C 86 -17.63 31.90 12.91
N GLU C 87 -18.14 33.04 12.42
CA GLU C 87 -18.03 34.31 13.14
C GLU C 87 -18.47 34.15 14.59
N LYS C 88 -19.54 33.39 14.81
CA LYS C 88 -20.06 33.10 16.16
C LYS C 88 -19.06 32.34 17.02
N GLU C 89 -18.59 31.20 16.49
CA GLU C 89 -17.50 30.44 17.08
C GLU C 89 -16.27 31.30 17.45
N TYR C 90 -15.90 32.21 16.58
CA TYR C 90 -14.76 33.07 16.85
C TYR C 90 -15.01 34.00 18.05
N LYS C 91 -16.25 34.52 18.15
CA LYS C 91 -16.62 35.32 19.33
C LYS C 91 -16.54 34.46 20.59
N GLN C 92 -16.98 33.21 20.52
CA GLN C 92 -16.92 32.36 21.71
C GLN C 92 -15.48 32.05 22.15
N SER C 93 -14.57 31.81 21.20
CA SER C 93 -13.24 31.35 21.58
C SER C 93 -12.35 32.53 21.94
N GLY C 94 -12.61 33.68 21.34
CA GLY C 94 -11.61 34.73 21.34
C GLY C 94 -10.46 34.36 20.41
N ASN C 95 -9.40 35.15 20.48
CA ASN C 95 -8.19 34.99 19.65
C ASN C 95 -7.29 33.85 20.16
N PRO C 96 -6.66 33.09 19.25
CA PRO C 96 -6.72 33.20 17.78
C PRO C 96 -7.95 32.50 17.20
N LEU C 97 -8.21 32.70 15.90
CA LEU C 97 -9.30 31.94 15.22
C LEU C 97 -9.21 30.50 15.58
N PRO C 98 -10.35 29.84 15.85
CA PRO C 98 -10.41 28.42 16.15
C PRO C 98 -10.70 27.60 14.88
N GLY C 99 -10.94 26.30 15.01
CA GLY C 99 -11.22 25.43 13.87
C GLY C 99 -10.03 25.13 12.97
N GLY C 100 -10.31 24.83 11.70
CA GLY C 100 -9.25 24.49 10.72
C GLY C 100 -9.49 25.15 9.39
N PHE C 101 -9.20 24.44 8.30
CA PHE C 101 -9.16 25.01 6.95
C PHE C 101 -10.32 24.46 6.09
N ASN C 102 -11.11 23.52 6.62
CA ASN C 102 -12.00 22.78 5.71
C ASN C 102 -13.20 23.65 5.25
N LEU C 103 -13.56 23.56 3.98
CA LEU C 103 -14.71 24.31 3.43
C LEU C 103 -16.05 23.81 4.02
N ASN C 104 -16.80 24.69 4.68
CA ASN C 104 -18.03 24.23 5.34
C ASN C 104 -19.32 24.50 4.56
N PHE C 105 -19.20 24.76 3.28
CA PHE C 105 -20.37 25.24 2.51
C PHE C 105 -21.37 24.09 2.30
N VAL C 106 -22.66 24.43 2.08
CA VAL C 106 -23.75 23.44 1.98
C VAL C 106 -24.66 23.80 0.82
N THR C 107 -25.31 22.78 0.24
CA THR C 107 -26.35 23.03 -0.80
C THR C 107 -27.58 23.59 -0.08
N PRO C 108 -28.64 23.92 -0.87
CA PRO C 108 -29.84 24.39 -0.15
C PRO C 108 -30.46 23.34 0.78
N SER C 109 -30.39 22.07 0.43
CA SER C 109 -30.88 21.00 1.31
C SER C 109 -30.05 20.80 2.56
N GLY C 110 -28.91 21.47 2.67
CA GLY C 110 -28.00 21.24 3.80
C GLY C 110 -26.92 20.17 3.64
N GLN C 111 -26.77 19.61 2.45
CA GLN C 111 -25.70 18.65 2.17
C GLN C 111 -24.32 19.35 2.07
N ARG C 112 -23.34 18.87 2.84
CA ARG C 112 -21.97 19.42 2.82
C ARG C 112 -21.22 19.12 1.56
N ILE C 113 -20.56 20.15 1.05
CA ILE C 113 -19.59 19.95 -0.02
C ILE C 113 -18.29 19.26 0.50
N SER C 114 -17.94 19.43 1.77
CA SER C 114 -16.65 18.91 2.27
C SER C 114 -16.70 18.62 3.77
N PRO C 115 -16.28 17.42 4.20
CA PRO C 115 -15.69 16.37 3.40
C PRO C 115 -16.77 15.60 2.65
N PHE C 116 -16.41 15.14 1.45
CA PHE C 116 -17.32 14.42 0.60
C PHE C 116 -16.88 12.99 0.52
N PRO C 117 -17.78 12.03 0.80
CA PRO C 117 -17.39 10.61 0.82
C PRO C 117 -17.09 10.03 -0.57
N MET C 118 -16.04 9.23 -0.66
CA MET C 118 -15.60 8.68 -1.93
C MET C 118 -16.69 7.77 -2.53
N GLU C 119 -17.52 7.19 -1.66
CA GLU C 119 -18.64 6.29 -2.08
C GLU C 119 -19.61 6.96 -3.01
N LEU C 120 -19.88 8.23 -2.76
CA LEU C 120 -20.78 9.02 -3.59
C LEU C 120 -20.12 9.42 -4.89
N LEU C 121 -18.82 9.71 -4.86
CA LEU C 121 -18.11 10.03 -6.09
C LEU C 121 -18.02 8.83 -7.01
N GLU C 122 -17.84 7.64 -6.45
CA GLU C 122 -17.63 6.51 -7.34
C GLU C 122 -18.90 6.05 -8.07
N LYS C 123 -20.07 6.45 -7.59
CA LYS C 123 -21.27 6.13 -8.35
C LYS C 123 -21.93 7.30 -9.02
N ASN C 124 -21.27 8.45 -8.97
CA ASN C 124 -21.72 9.60 -9.75
C ASN C 124 -21.14 9.55 -11.15
N SER C 125 -22.06 9.59 -12.12
CA SER C 125 -21.81 9.58 -13.57
C SER C 125 -20.94 10.70 -14.12
N ASN C 126 -20.98 11.85 -13.46
CA ASN C 126 -20.28 13.01 -13.98
C ASN C 126 -18.78 12.99 -13.61
N ILE C 127 -18.41 12.13 -12.66
CA ILE C 127 -17.02 11.99 -12.23
C ILE C 127 -16.38 10.91 -13.08
N LYS C 128 -15.51 11.33 -13.98
CA LYS C 128 -14.90 10.47 -14.98
C LYS C 128 -13.66 9.74 -14.50
N ALA C 129 -13.08 10.17 -13.38
CA ALA C 129 -11.72 9.75 -13.00
C ALA C 129 -11.67 8.24 -12.78
N SER C 130 -10.54 7.60 -13.08
CA SER C 130 -10.43 6.12 -12.93
C SER C 130 -10.03 5.63 -11.53
N THR C 131 -9.49 6.52 -10.70
CA THR C 131 -8.97 6.10 -9.39
C THR C 131 -9.64 6.94 -8.35
N ASP C 132 -9.63 6.48 -7.12
CA ASP C 132 -10.24 7.23 -6.05
C ASP C 132 -9.56 8.56 -5.82
N LEU C 133 -8.24 8.58 -5.86
CA LEU C 133 -7.53 9.85 -5.71
C LEU C 133 -7.88 10.80 -6.87
N GLY C 134 -7.90 10.26 -8.10
CA GLY C 134 -8.40 11.01 -9.22
C GLY C 134 -9.80 11.61 -9.03
N ARG C 135 -10.73 10.84 -8.47
CA ARG C 135 -12.12 11.34 -8.26
C ARG C 135 -12.18 12.53 -7.31
N CYS C 136 -11.39 12.44 -6.24
CA CYS C 136 -11.29 13.56 -5.29
C CYS C 136 -10.71 14.79 -5.99
N ALA C 137 -9.60 14.62 -6.69
CA ALA C 137 -8.96 15.76 -7.38
C ALA C 137 -9.91 16.34 -8.45
N GLU C 138 -10.61 15.47 -9.17
CA GLU C 138 -11.61 15.92 -10.15
C GLU C 138 -12.74 16.71 -9.47
N PHE C 139 -13.16 16.26 -8.30
CA PHE C 139 -14.21 16.95 -7.53
C PHE C 139 -13.79 18.40 -7.14
N ALA C 140 -12.55 18.53 -6.66
CA ALA C 140 -11.90 19.83 -6.43
C ALA C 140 -11.80 20.72 -7.67
N PHE C 141 -11.33 20.17 -8.79
CA PHE C 141 -11.18 20.92 -10.04
C PHE C 141 -12.53 21.42 -10.50
N LYS C 142 -13.58 20.64 -10.19
CA LYS C 142 -14.95 20.97 -10.62
C LYS C 142 -15.64 21.93 -9.66
N THR C 143 -14.88 22.53 -8.75
CA THR C 143 -15.43 23.45 -7.77
C THR C 143 -14.73 24.78 -8.01
N VAL C 144 -15.50 25.87 -8.15
CA VAL C 144 -14.94 27.20 -8.49
C VAL C 144 -15.58 28.24 -7.60
N ALA C 145 -14.78 29.21 -7.16
CA ALA C 145 -15.27 30.25 -6.26
C ALA C 145 -16.21 31.15 -7.05
N MET C 146 -17.27 31.64 -6.41
CA MET C 146 -18.15 32.65 -7.01
C MET C 146 -17.77 34.04 -6.49
N ASP C 147 -17.74 35.05 -7.37
CA ASP C 147 -17.41 36.44 -6.97
C ASP C 147 -18.64 37.18 -6.40
N LYS C 148 -18.49 38.47 -6.09
CA LYS C 148 -19.56 39.27 -5.43
C LYS C 148 -20.86 39.42 -6.26
N ASN C 149 -20.75 39.19 -7.57
CA ASN C 149 -21.89 39.27 -8.48
C ASN C 149 -22.38 37.88 -8.82
N ASN C 150 -21.78 36.90 -8.12
CA ASN C 150 -22.18 35.50 -8.23
C ASN C 150 -22.02 34.97 -9.63
N LYS C 151 -20.94 35.40 -10.27
CA LYS C 151 -20.44 34.72 -11.45
C LYS C 151 -19.32 33.78 -10.99
N ALA C 152 -19.28 32.61 -11.63
CA ALA C 152 -18.18 31.65 -11.48
C ALA C 152 -16.88 32.35 -11.84
N THR C 153 -15.84 32.09 -11.06
CA THR C 153 -14.52 32.61 -11.39
C THR C 153 -13.66 31.42 -11.85
N LYS C 154 -12.36 31.65 -12.01
CA LYS C 154 -11.39 30.59 -12.32
C LYS C 154 -10.52 30.26 -11.08
N TYR C 155 -10.91 30.83 -9.93
CA TYR C 155 -10.23 30.53 -8.67
C TYR C 155 -10.72 29.20 -8.09
N ARG C 156 -9.79 28.30 -7.81
CA ARG C 156 -10.14 26.99 -7.23
C ARG C 156 -9.30 26.73 -5.97
N TYR C 157 -9.95 26.28 -4.92
CA TYR C 157 -9.26 25.94 -3.65
C TYR C 157 -8.54 24.56 -3.73
N PRO C 158 -7.47 24.36 -2.93
CA PRO C 158 -6.79 23.05 -2.85
C PRO C 158 -7.64 22.04 -2.05
N PHE C 159 -7.24 20.75 -2.18
CA PHE C 159 -7.91 19.63 -1.59
C PHE C 159 -6.94 18.77 -0.76
N VAL C 160 -7.50 17.99 0.16
CA VAL C 160 -6.77 16.91 0.83
C VAL C 160 -7.60 15.67 0.67
N TYR C 161 -7.02 14.62 0.08
CA TYR C 161 -7.66 13.30 0.16
C TYR C 161 -7.24 12.55 1.42
N ASP C 162 -8.22 12.15 2.22
CA ASP C 162 -7.94 11.36 3.38
C ASP C 162 -8.20 9.93 2.95
N SER C 163 -7.13 9.23 2.60
CA SER C 163 -7.27 7.94 1.98
C SER C 163 -7.64 6.88 2.97
N LYS C 164 -7.48 7.16 4.24
CA LYS C 164 -7.87 6.22 5.29
C LYS C 164 -9.41 6.22 5.51
N LYS C 165 -10.00 7.40 5.71
CA LYS C 165 -11.45 7.53 5.92
C LYS C 165 -12.22 7.59 4.61
N ARG C 166 -11.49 7.72 3.50
CA ARG C 166 -12.07 7.84 2.17
C ARG C 166 -12.95 9.09 2.02
N LEU C 167 -12.36 10.23 2.38
CA LEU C 167 -13.12 11.46 2.41
C LEU C 167 -12.31 12.47 1.61
N CYS C 168 -13.01 13.24 0.81
CA CYS C 168 -12.38 14.29 0.00
C CYS C 168 -12.60 15.70 0.63
N HIS C 169 -11.53 16.36 1.10
CA HIS C 169 -11.66 17.71 1.68
C HIS C 169 -11.31 18.82 0.68
N ILE C 170 -12.13 19.87 0.65
CA ILE C 170 -11.75 21.08 -0.07
C ILE C 170 -11.39 22.05 1.01
N LEU C 171 -10.28 22.74 0.87
CA LEU C 171 -9.85 23.69 1.90
C LEU C 171 -10.19 25.11 1.52
N TYR C 172 -11.02 25.74 2.33
CA TYR C 172 -11.29 27.15 2.15
C TYR C 172 -10.06 28.05 2.39
N VAL C 173 -9.03 27.55 3.11
CA VAL C 173 -7.79 28.29 3.31
C VAL C 173 -6.73 27.71 2.36
N SER C 174 -6.22 28.54 1.45
CA SER C 174 -5.20 28.17 0.51
C SER C 174 -3.79 28.44 1.06
N MET C 175 -3.67 29.29 2.09
CA MET C 175 -2.38 29.53 2.75
C MET C 175 -1.82 28.19 3.26
N GLN C 176 -0.50 28.08 3.27
CA GLN C 176 0.08 26.86 3.70
C GLN C 176 1.14 27.13 4.73
N LEU C 177 1.57 28.39 4.86
CA LEU C 177 2.57 28.68 5.92
C LEU C 177 2.33 30.11 6.46
N MET C 178 2.15 30.28 7.76
CA MET C 178 2.07 31.67 8.30
C MET C 178 2.96 31.70 9.52
N GLU C 179 3.85 32.69 9.57
CA GLU C 179 4.75 32.76 10.69
C GLU C 179 4.96 34.23 11.07
N GLY C 180 5.62 34.47 12.18
CA GLY C 180 6.02 35.85 12.53
C GLY C 180 5.07 36.49 13.55
N LYS C 181 5.66 37.05 14.61
CA LYS C 181 4.92 37.69 15.70
C LYS C 181 4.03 38.84 15.25
N LYS C 182 4.38 39.49 14.14
CA LYS C 182 3.49 40.47 13.53
C LYS C 182 2.17 39.88 13.05
N TYR C 183 2.12 38.56 12.85
CA TYR C 183 1.01 37.97 12.06
C TYR C 183 0.26 36.87 12.76
N CYS C 184 0.94 36.13 13.61
CA CYS C 184 0.27 34.98 14.18
C CYS C 184 0.92 34.59 15.49
N SER C 185 0.19 33.88 16.31
CA SER C 185 0.73 33.42 17.56
C SER C 185 1.03 31.94 17.51
N VAL C 186 1.91 31.52 18.41
CA VAL C 186 2.24 30.11 18.57
C VAL C 186 1.72 29.69 19.93
N LYS C 187 0.71 28.82 19.95
CA LYS C 187 0.09 28.41 21.21
C LYS C 187 -0.32 29.60 22.07
N GLY C 188 -0.93 30.61 21.45
CA GLY C 188 -1.47 31.75 22.18
C GLY C 188 -0.50 32.87 22.54
N GLU C 189 0.79 32.77 22.20
CA GLU C 189 1.75 33.89 22.36
C GLU C 189 2.27 34.39 21.01
N PRO C 190 2.27 35.72 20.80
CA PRO C 190 1.66 36.76 21.65
C PRO C 190 0.14 36.71 21.56
N PRO C 191 -0.55 37.13 22.65
CA PRO C 191 -1.97 36.80 22.97
C PRO C 191 -3.10 37.32 22.03
N ASP C 192 -2.91 38.51 21.45
CA ASP C 192 -4.00 39.18 20.73
C ASP C 192 -3.92 39.12 19.21
N LEU C 193 -3.23 38.13 18.65
CA LEU C 193 -3.17 38.04 17.19
C LEU C 193 -4.35 37.21 16.71
N THR C 194 -4.96 37.60 15.61
CA THR C 194 -6.10 36.83 15.10
C THR C 194 -5.74 35.39 14.63
N TRP C 195 -4.66 35.28 13.88
CA TRP C 195 -4.26 33.97 13.36
C TRP C 195 -3.36 33.20 14.29
N TYR C 196 -3.47 31.90 14.27
CA TYR C 196 -2.41 31.05 14.83
C TYR C 196 -1.36 30.81 13.74
N CYS C 197 -0.12 30.50 14.12
CA CYS C 197 0.89 30.09 13.11
C CYS C 197 0.66 28.66 12.61
N PHE C 198 1.21 28.36 11.44
CA PHE C 198 1.03 27.03 10.84
C PHE C 198 2.06 26.83 9.73
N LYS C 199 2.38 25.58 9.45
CA LYS C 199 3.35 25.32 8.39
C LYS C 199 3.15 23.89 7.84
N PRO C 200 3.63 23.62 6.60
CA PRO C 200 3.48 22.28 5.99
C PRO C 200 4.39 21.34 6.74
N ARG C 201 4.04 20.06 6.81
CA ARG C 201 4.89 19.06 7.47
C ARG C 201 4.66 17.76 6.72
N LYS C 202 5.67 16.90 6.77
CA LYS C 202 5.46 15.47 6.59
C LYS C 202 6.11 14.87 7.83
N SER C 203 5.62 13.72 8.25
CA SER C 203 6.09 13.18 9.51
C SER C 203 6.61 11.77 9.28
N VAL C 204 7.64 11.35 9.99
CA VAL C 204 8.08 9.96 9.89
C VAL C 204 7.01 8.91 10.18
N THR C 205 6.07 9.19 11.08
CA THR C 205 5.02 8.20 11.35
C THR C 205 3.56 8.58 11.09
N GLU C 206 3.21 9.87 11.18
CA GLU C 206 1.80 10.29 11.11
C GLU C 206 1.42 10.80 9.74
N ASN C 207 0.11 10.63 9.45
CA ASN C 207 -0.55 11.32 8.36
C ASN C 207 -0.10 10.97 6.95
N HIS C 208 0.43 9.77 6.81
CA HIS C 208 0.92 9.31 5.51
C HIS C 208 -0.25 9.13 4.58
N HIS C 209 -1.43 9.00 5.20
CA HIS C 209 -2.62 8.74 4.49
C HIS C 209 -3.29 10.01 3.93
N LEU C 210 -2.79 11.19 4.36
CA LEU C 210 -3.24 12.46 3.78
C LEU C 210 -2.44 12.93 2.57
N ILE C 211 -3.15 13.22 1.49
CA ILE C 211 -2.53 13.59 0.27
C ILE C 211 -3.01 15.01 -0.07
N TYR C 212 -2.09 15.98 -0.10
CA TYR C 212 -2.45 17.39 -0.41
C TYR C 212 -2.24 17.68 -1.91
N GLY C 213 -3.14 18.45 -2.51
CA GLY C 213 -2.93 18.83 -3.91
C GLY C 213 -3.66 20.12 -4.28
N SER C 214 -3.15 20.80 -5.31
CA SER C 214 -3.94 21.93 -5.81
C SER C 214 -5.14 21.34 -6.54
N ALA C 215 -6.16 22.16 -6.83
CA ALA C 215 -7.34 21.64 -7.57
C ALA C 215 -6.89 21.14 -8.95
N TYR C 216 -5.76 21.62 -9.44
CA TYR C 216 -5.37 21.40 -10.84
C TYR C 216 -4.85 19.99 -11.03
N VAL C 217 -4.69 19.25 -9.93
CA VAL C 217 -4.48 17.83 -10.16
C VAL C 217 -5.70 17.16 -10.81
N GLY C 218 -6.87 17.77 -10.65
CA GLY C 218 -8.10 17.19 -11.21
C GLY C 218 -8.43 17.59 -12.65
N GLU C 219 -7.60 18.44 -13.24
CA GLU C 219 -7.88 18.97 -14.55
C GLU C 219 -7.84 17.90 -15.64
N ASN C 220 -6.84 17.03 -15.53
CA ASN C 220 -6.77 15.77 -16.25
C ASN C 220 -6.55 14.71 -15.14
N PRO C 221 -7.65 14.26 -14.49
CA PRO C 221 -7.61 13.53 -13.24
C PRO C 221 -7.00 12.11 -13.34
N ASP C 222 -6.62 11.66 -14.53
CA ASP C 222 -5.86 10.40 -14.61
C ASP C 222 -4.40 10.65 -14.90
N ALA C 223 -4.01 11.88 -15.21
CA ALA C 223 -2.61 12.15 -15.56
C ALA C 223 -1.58 11.85 -14.46
N PHE C 224 -1.95 12.03 -13.19
CA PHE C 224 -0.95 11.91 -12.10
C PHE C 224 -0.50 10.46 -12.02
N ILE C 225 -1.35 9.54 -12.49
CA ILE C 225 -1.03 8.11 -12.44
C ILE C 225 0.26 7.78 -13.19
N SER C 226 0.49 8.39 -14.33
CA SER C 226 1.75 8.16 -15.04
C SER C 226 2.74 9.31 -15.07
N LYS C 227 2.32 10.51 -14.65
CA LYS C 227 3.26 11.64 -14.78
C LYS C 227 3.90 12.08 -13.47
N CYS C 228 3.44 11.53 -12.35
CA CYS C 228 3.86 11.98 -11.04
C CYS C 228 4.63 10.88 -10.30
N PRO C 229 5.62 11.27 -9.49
CA PRO C 229 6.41 10.26 -8.82
C PRO C 229 5.72 9.85 -7.55
N ASN C 230 4.59 9.17 -7.68
CA ASN C 230 3.76 8.97 -6.49
C ASN C 230 4.39 8.18 -5.32
N GLN C 231 5.19 7.16 -5.64
CA GLN C 231 5.70 6.26 -4.64
C GLN C 231 7.21 6.38 -4.55
N ALA C 232 7.76 6.04 -3.38
CA ALA C 232 9.20 5.83 -3.22
C ALA C 232 9.64 4.68 -4.13
N LEU C 233 10.91 4.72 -4.55
CA LEU C 233 11.51 3.73 -5.46
C LEU C 233 12.57 2.93 -4.70
N ARG C 234 12.25 1.68 -4.39
CA ARG C 234 13.13 0.81 -3.65
C ARG C 234 14.19 0.26 -4.62
N GLY C 235 15.46 0.19 -4.19
CA GLY C 235 16.49 -0.62 -4.90
C GLY C 235 17.30 0.14 -5.95
N TYR C 236 17.06 1.45 -6.03
CA TYR C 236 17.79 2.31 -6.92
C TYR C 236 18.09 3.64 -6.25
N ARG C 237 19.12 4.27 -6.77
CA ARG C 237 19.54 5.62 -6.41
C ARG C 237 19.32 6.45 -7.64
N PHE C 238 18.69 7.61 -7.45
CA PHE C 238 18.59 8.62 -8.50
C PHE C 238 19.97 9.00 -9.02
N GLY C 239 20.01 9.28 -10.32
CA GLY C 239 21.23 9.72 -10.93
C GLY C 239 21.05 10.66 -12.09
N VAL C 240 22.18 11.12 -12.62
CA VAL C 240 22.15 11.96 -13.82
C VAL C 240 23.11 11.37 -14.87
N TRP C 241 22.68 11.33 -16.12
CA TRP C 241 23.42 10.68 -17.19
C TRP C 241 24.42 11.70 -17.66
N LYS C 242 25.67 11.46 -17.26
CA LYS C 242 26.76 12.36 -17.59
C LYS C 242 28.04 11.56 -17.97
N LYS C 243 28.84 12.06 -18.92
CA LYS C 243 30.04 11.32 -19.40
C LYS C 243 29.74 9.85 -19.81
N GLY C 244 28.64 9.64 -20.53
CA GLY C 244 28.34 8.28 -20.99
C GLY C 244 27.90 7.23 -19.97
N ARG C 245 27.63 7.66 -18.73
CA ARG C 245 27.07 6.73 -17.74
C ARG C 245 26.18 7.38 -16.69
N CYS C 246 25.54 6.53 -15.88
CA CYS C 246 24.71 7.02 -14.80
C CYS C 246 25.55 7.34 -13.59
N LEU C 247 25.60 8.62 -13.19
CA LEU C 247 26.28 9.06 -11.95
C LEU C 247 25.22 9.27 -10.82
N ASP C 248 25.28 8.49 -9.76
CA ASP C 248 24.29 8.66 -8.67
C ASP C 248 24.63 9.96 -7.94
N TYR C 249 23.66 10.48 -7.19
CA TYR C 249 23.87 11.82 -6.60
C TYR C 249 25.12 11.85 -5.75
N THR C 250 25.53 10.73 -5.13
CA THR C 250 26.73 10.84 -4.26
C THR C 250 28.01 11.16 -5.05
N GLU C 251 27.94 11.09 -6.39
CA GLU C 251 29.10 11.37 -7.28
C GLU C 251 29.12 12.80 -7.83
N LEU C 252 28.08 13.56 -7.49
CA LEU C 252 27.99 14.92 -7.93
C LEU C 252 28.49 15.89 -6.82
N THR C 253 29.30 16.87 -7.24
CA THR C 253 29.76 17.94 -6.37
C THR C 253 28.70 18.67 -5.55
N ASP C 254 27.58 19.11 -6.16
CA ASP C 254 26.58 19.90 -5.44
C ASP C 254 25.66 19.12 -4.45
N THR C 255 25.80 17.80 -4.39
CA THR C 255 24.91 17.00 -3.55
C THR C 255 25.07 17.28 -2.06
N VAL C 256 23.95 17.38 -1.33
CA VAL C 256 23.97 17.50 0.09
C VAL C 256 23.87 16.10 0.70
N ILE C 257 24.77 15.77 1.62
CA ILE C 257 24.66 14.45 2.26
C ILE C 257 24.51 14.56 3.76
N GLU C 258 23.46 13.94 4.31
CA GLU C 258 23.24 14.02 5.77
C GLU C 258 23.10 12.67 6.42
N ARG C 259 23.54 12.55 7.66
CA ARG C 259 23.30 11.33 8.42
C ARG C 259 21.81 11.23 8.81
N VAL C 260 21.25 10.02 8.79
CA VAL C 260 19.87 9.82 9.21
C VAL C 260 19.79 8.58 10.08
N GLU C 261 18.82 8.51 10.99
CA GLU C 261 18.60 7.28 11.76
C GLU C 261 17.71 6.21 11.02
N SER C 262 17.12 6.53 9.87
CA SER C 262 16.12 5.64 9.24
C SER C 262 15.82 6.21 7.88
N LYS C 263 15.37 5.35 6.98
CA LYS C 263 15.11 5.79 5.63
C LYS C 263 13.92 6.76 5.66
N ALA C 264 13.01 6.66 6.64
CA ALA C 264 11.83 7.56 6.63
C ALA C 264 12.25 9.03 6.90
N GLN C 265 13.32 9.20 7.65
CA GLN C 265 13.90 10.50 7.89
C GLN C 265 14.40 11.13 6.61
N CYS C 266 14.96 10.30 5.73
CA CYS C 266 15.42 10.80 4.43
C CYS C 266 14.22 11.32 3.61
N TRP C 267 13.12 10.59 3.67
CA TRP C 267 11.94 10.91 2.88
C TRP C 267 11.41 12.26 3.33
N VAL C 268 11.32 12.46 4.67
CA VAL C 268 10.87 13.74 5.23
C VAL C 268 11.81 14.89 4.84
N LYS C 269 13.12 14.66 4.87
CA LYS C 269 14.04 15.66 4.42
C LYS C 269 13.91 16.08 2.94
N THR C 270 13.45 15.20 2.06
CA THR C 270 13.31 15.66 0.67
C THR C 270 12.21 16.71 0.58
N PHE C 271 11.25 16.67 1.51
CA PHE C 271 10.18 17.67 1.59
C PHE C 271 10.55 18.89 2.49
N GLU C 272 11.21 18.65 3.65
CA GLU C 272 11.49 19.75 4.63
C GLU C 272 12.78 20.49 4.47
N ASN C 273 13.69 20.03 3.62
CA ASN C 273 14.97 20.72 3.56
C ASN C 273 14.77 22.16 3.01
N ASP C 274 15.69 23.04 3.37
CA ASP C 274 15.49 24.43 2.94
C ASP C 274 15.63 24.76 1.45
N GLY C 275 16.06 23.82 0.62
CA GLY C 275 16.04 24.12 -0.83
C GLY C 275 14.88 23.57 -1.61
N VAL C 276 13.95 22.90 -0.93
CA VAL C 276 12.76 22.38 -1.64
C VAL C 276 11.99 23.46 -2.43
N ALA C 277 11.43 23.12 -3.57
CA ALA C 277 10.62 24.06 -4.28
C ALA C 277 9.48 24.64 -3.36
N SER C 278 9.44 25.98 -3.23
CA SER C 278 8.44 26.62 -2.40
C SER C 278 8.08 27.99 -2.97
N ASP C 279 6.79 28.32 -3.00
CA ASP C 279 6.32 29.61 -3.49
C ASP C 279 6.07 30.61 -2.33
N GLN C 280 6.62 30.32 -1.13
CA GLN C 280 6.41 31.12 0.07
C GLN C 280 7.29 32.36 0.01
N PRO C 281 6.72 33.57 0.28
CA PRO C 281 7.58 34.76 0.39
C PRO C 281 8.32 34.80 1.73
N HIS C 282 9.32 35.65 1.84
CA HIS C 282 9.99 35.80 3.10
C HIS C 282 9.10 36.59 4.11
N THR C 283 9.10 36.20 5.38
CA THR C 283 8.46 37.02 6.42
C THR C 283 9.55 37.74 7.23
N TYR C 284 9.41 39.05 7.33
CA TYR C 284 10.41 39.88 7.98
C TYR C 284 10.24 39.96 9.51
N PRO C 285 11.34 40.27 10.23
CA PRO C 285 11.23 40.41 11.66
C PRO C 285 10.26 41.55 12.06
N LEU C 286 9.56 41.37 13.18
CA LEU C 286 8.78 42.47 13.74
C LEU C 286 9.70 43.35 14.54
N THR C 287 9.89 44.57 14.07
CA THR C 287 10.87 45.44 14.69
C THR C 287 10.13 46.39 15.65
N SER C 288 10.87 47.13 16.46
CA SER C 288 10.25 48.29 17.07
C SER C 288 10.31 49.55 16.17
N GLN C 289 10.98 49.44 15.00
CA GLN C 289 11.19 50.58 14.07
C GLN C 289 9.88 51.19 13.58
N ASN C 293 6.03 50.18 5.58
CA ASN C 293 7.27 50.26 4.82
C ASN C 293 7.20 49.77 3.37
N ASP C 294 8.24 50.11 2.64
CA ASP C 294 8.25 50.04 1.19
C ASP C 294 9.53 49.31 0.80
N TRP C 295 10.24 48.77 1.79
CA TRP C 295 11.52 48.07 1.56
C TRP C 295 11.61 46.60 2.01
N TRP C 296 10.73 46.18 2.92
CA TRP C 296 10.66 44.79 3.35
C TRP C 296 9.32 44.13 2.93
N PRO C 297 9.19 43.72 1.67
CA PRO C 297 10.14 43.63 0.58
C PRO C 297 10.04 44.82 -0.35
N LEU C 298 11.02 44.94 -1.22
CA LEU C 298 11.11 46.05 -2.17
C LEU C 298 9.79 46.08 -2.93
N HIS C 299 9.11 47.24 -2.94
CA HIS C 299 7.81 47.43 -3.65
C HIS C 299 6.67 46.61 -3.05
N GLN C 300 6.83 46.23 -1.78
CA GLN C 300 5.74 45.68 -0.95
C GLN C 300 5.19 44.29 -1.26
N SER C 301 5.37 43.77 -2.48
CA SER C 301 5.08 42.35 -2.70
C SER C 301 6.20 41.46 -3.27
N ASP C 302 6.16 40.19 -2.85
CA ASP C 302 7.19 39.17 -3.03
C ASP C 302 6.29 37.92 -3.26
N GLN C 303 6.23 37.45 -4.52
CA GLN C 303 5.39 36.30 -4.84
C GLN C 303 6.26 35.30 -5.66
N PRO C 304 7.10 34.50 -4.96
CA PRO C 304 8.02 33.65 -5.66
C PRO C 304 7.27 32.56 -6.38
N HIS C 305 7.72 32.24 -7.58
CA HIS C 305 7.17 31.14 -8.35
C HIS C 305 8.30 30.18 -8.57
N SER C 306 8.38 29.13 -7.77
CA SER C 306 9.51 28.19 -7.94
C SER C 306 9.37 27.45 -9.26
N GLY C 307 8.14 27.27 -9.77
CA GLY C 307 8.00 26.44 -10.98
C GLY C 307 8.34 24.94 -10.77
N GLY C 308 8.43 24.49 -9.53
CA GLY C 308 8.77 23.09 -9.27
C GLY C 308 10.28 22.89 -9.12
N VAL C 309 11.06 23.95 -9.28
CA VAL C 309 12.53 23.84 -9.28
C VAL C 309 13.02 23.86 -7.84
N GLY C 310 13.92 22.94 -7.49
CA GLY C 310 14.45 22.94 -6.15
C GLY C 310 15.06 21.61 -5.77
N ARG C 311 15.55 21.53 -4.52
CA ARG C 311 16.16 20.34 -3.94
C ARG C 311 15.10 19.31 -3.48
N ASN C 312 14.42 18.73 -4.46
CA ASN C 312 13.25 17.92 -4.20
C ASN C 312 13.56 16.40 -4.20
N TYR C 313 14.81 16.01 -4.47
CA TYR C 313 15.16 14.62 -4.84
C TYR C 313 16.20 14.07 -3.87
N GLY C 314 16.10 12.81 -3.48
CA GLY C 314 17.13 12.27 -2.62
C GLY C 314 17.03 10.76 -2.51
N PHE C 315 17.99 10.15 -1.83
CA PHE C 315 17.81 8.75 -1.53
C PHE C 315 18.44 8.45 -0.24
N TYR C 316 17.83 7.49 0.46
CA TYR C 316 18.53 6.80 1.57
C TYR C 316 19.52 5.78 1.04
N TYR C 317 20.69 5.63 1.69
CA TYR C 317 21.62 4.56 1.31
C TYR C 317 22.48 4.27 2.54
N VAL C 318 23.28 3.21 2.48
CA VAL C 318 24.07 2.87 3.65
C VAL C 318 25.50 2.99 3.14
N ASP C 319 26.34 3.83 3.75
CA ASP C 319 27.67 3.98 3.17
C ASP C 319 28.55 2.79 3.62
N THR C 320 29.78 2.79 3.14
CA THR C 320 30.69 1.65 3.35
C THR C 320 30.96 1.40 4.85
N THR C 321 30.74 2.41 5.69
CA THR C 321 30.95 2.32 7.13
C THR C 321 29.74 1.77 7.92
N GLY C 322 28.62 1.44 7.27
CA GLY C 322 27.41 1.02 8.02
C GLY C 322 26.47 2.13 8.46
N GLU C 323 26.77 3.39 8.17
CA GLU C 323 25.88 4.48 8.63
C GLU C 323 24.82 4.76 7.56
N GLY C 324 23.57 4.94 8.00
CA GLY C 324 22.51 5.41 7.08
C GLY C 324 22.77 6.86 6.71
N LYS C 325 22.58 7.18 5.44
CA LYS C 325 22.79 8.54 4.97
C LYS C 325 21.70 8.92 3.94
N CYS C 326 21.58 10.22 3.67
CA CYS C 326 20.50 10.72 2.83
C CYS C 326 21.19 11.66 1.86
N ALA C 327 21.07 11.45 0.55
CA ALA C 327 21.70 12.31 -0.45
C ALA C 327 20.60 13.14 -1.08
N LEU C 328 20.74 14.48 -1.07
CA LEU C 328 19.66 15.40 -1.49
C LEU C 328 20.17 16.24 -2.68
N SER C 329 19.36 16.38 -3.72
CA SER C 329 19.84 17.13 -4.85
C SER C 329 18.74 17.95 -5.51
N ASP C 330 19.13 19.00 -6.24
CA ASP C 330 18.18 19.75 -7.07
C ASP C 330 18.32 19.35 -8.54
N GLN C 331 19.14 18.34 -8.78
CA GLN C 331 19.24 17.85 -10.21
C GLN C 331 18.16 16.87 -10.57
N VAL C 332 17.32 17.21 -11.54
CA VAL C 332 16.25 16.28 -11.92
C VAL C 332 16.92 14.95 -12.38
N PRO C 333 16.44 13.78 -11.87
CA PRO C 333 17.10 12.55 -12.33
C PRO C 333 16.63 12.16 -13.71
N ASP C 334 17.59 11.68 -14.50
CA ASP C 334 17.29 11.05 -15.78
C ASP C 334 17.85 9.63 -15.98
N CYS C 335 18.39 9.03 -14.92
CA CYS C 335 18.73 7.59 -14.90
C CYS C 335 18.74 7.11 -13.43
N LEU C 336 19.02 5.82 -13.26
CA LEU C 336 19.11 5.19 -11.93
C LEU C 336 20.37 4.32 -11.86
N VAL C 337 20.86 4.18 -10.65
CA VAL C 337 21.91 3.28 -10.27
C VAL C 337 21.29 2.21 -9.33
N SER C 338 21.44 0.94 -9.69
CA SER C 338 20.97 -0.18 -8.86
C SER C 338 21.62 -0.20 -7.50
N ASP C 339 20.82 -0.37 -6.44
CA ASP C 339 21.44 -0.50 -5.09
C ASP C 339 20.37 -1.07 -4.19
N SER C 340 20.45 -2.36 -3.88
CA SER C 340 19.32 -3.04 -3.25
C SER C 340 19.00 -2.49 -1.82
N ALA C 341 19.93 -1.77 -1.20
CA ALA C 341 19.66 -1.17 0.12
C ALA C 341 19.24 0.31 0.05
N ALA C 342 19.27 0.88 -1.15
CA ALA C 342 18.83 2.25 -1.32
C ALA C 342 17.32 2.42 -1.56
N VAL C 343 16.78 3.60 -1.19
CA VAL C 343 15.40 3.94 -1.53
C VAL C 343 15.45 5.39 -2.02
N SER C 344 14.90 5.63 -3.20
CA SER C 344 14.79 6.97 -3.74
C SER C 344 13.44 7.65 -3.47
N TYR C 345 13.52 8.87 -2.95
CA TYR C 345 12.37 9.68 -2.56
C TYR C 345 12.29 11.03 -3.24
N THR C 346 11.06 11.60 -3.35
CA THR C 346 10.96 13.01 -3.71
C THR C 346 10.04 13.74 -2.74
N ALA C 347 10.10 15.08 -2.77
CA ALA C 347 9.21 15.96 -1.97
C ALA C 347 7.72 15.69 -2.21
N ALA C 348 7.42 15.21 -3.41
CA ALA C 348 6.02 14.98 -3.84
C ALA C 348 5.51 13.62 -3.40
N GLY C 349 6.37 12.61 -3.37
CA GLY C 349 5.88 11.20 -3.32
C GLY C 349 5.70 10.68 -1.90
N SER C 350 5.28 9.42 -1.81
CA SER C 350 4.94 8.76 -0.52
C SER C 350 6.16 8.08 0.14
N LEU C 351 6.09 7.76 1.42
CA LEU C 351 7.17 6.97 2.04
C LEU C 351 7.09 5.51 1.49
N SER C 352 5.86 5.07 1.26
CA SER C 352 5.56 3.74 0.77
C SER C 352 6.16 3.50 -0.62
N GLU C 353 6.79 2.33 -0.80
CA GLU C 353 7.40 1.91 -2.04
C GLU C 353 6.41 1.22 -2.94
N GLU C 354 5.21 0.93 -2.45
CA GLU C 354 4.29 0.18 -3.29
C GLU C 354 3.01 0.89 -3.64
N THR C 355 2.43 0.60 -4.79
CA THR C 355 1.25 1.37 -5.24
C THR C 355 -0.02 1.00 -4.49
N PRO C 356 -0.66 1.96 -3.79
CA PRO C 356 -1.86 1.53 -3.07
C PRO C 356 -3.11 1.46 -4.00
N ASN C 357 -4.17 0.79 -3.56
CA ASN C 357 -5.33 0.53 -4.44
C ASN C 357 -6.12 1.76 -4.87
N PHE C 358 -6.06 2.82 -4.05
CA PHE C 358 -6.78 4.05 -4.35
C PHE C 358 -6.12 4.92 -5.43
N ILE C 359 -5.03 4.45 -6.04
CA ILE C 359 -4.56 4.98 -7.31
C ILE C 359 -4.45 3.97 -8.44
N ILE C 360 -5.13 2.82 -8.31
CA ILE C 360 -5.08 1.80 -9.36
C ILE C 360 -6.42 1.82 -10.03
N PRO C 361 -6.41 1.99 -11.34
CA PRO C 361 -7.69 2.28 -12.01
C PRO C 361 -8.66 1.10 -11.88
N SER C 362 -9.94 1.41 -11.67
CA SER C 362 -10.98 0.36 -11.61
C SER C 362 -11.19 -0.39 -12.94
N ASN C 363 -10.36 -0.11 -13.95
CA ASN C 363 -10.65 -0.51 -15.33
C ASN C 363 -9.38 -0.86 -16.09
N PRO C 371 3.44 -0.51 -12.54
CA PRO C 371 4.06 0.35 -11.53
C PRO C 371 5.57 0.54 -11.79
N GLU C 372 6.38 -0.21 -11.02
CA GLU C 372 7.79 -0.45 -11.33
C GLU C 372 7.92 -1.40 -12.53
N THR C 373 6.78 -1.86 -13.08
CA THR C 373 6.77 -2.71 -14.28
C THR C 373 7.41 -2.03 -15.47
N ALA C 374 7.41 -0.70 -15.49
CA ALA C 374 8.23 0.06 -16.41
C ALA C 374 9.70 -0.44 -16.49
N LEU C 375 10.26 -0.87 -15.34
CA LEU C 375 11.64 -1.35 -15.21
C LEU C 375 11.73 -2.88 -15.36
N GLN C 376 10.67 -3.49 -15.87
CA GLN C 376 10.62 -4.93 -16.12
C GLN C 376 11.41 -5.28 -17.35
N CYS C 377 11.70 -6.57 -17.45
CA CYS C 377 12.93 -7.01 -18.02
C CYS C 377 12.89 -8.50 -18.35
N THR C 378 12.91 -8.91 -19.60
CA THR C 378 13.03 -10.37 -19.79
C THR C 378 14.45 -10.85 -20.09
N ALA C 379 15.08 -11.49 -19.11
CA ALA C 379 16.55 -11.63 -19.06
C ALA C 379 17.17 -12.34 -20.24
N ASP C 380 16.42 -13.25 -20.86
CA ASP C 380 16.91 -13.98 -21.99
C ASP C 380 16.86 -13.15 -23.25
N LYS C 381 16.04 -12.11 -23.23
CA LYS C 381 15.97 -11.21 -24.36
C LYS C 381 16.50 -9.79 -24.08
N PHE C 382 17.41 -9.70 -23.11
CA PHE C 382 18.04 -8.44 -22.72
C PHE C 382 19.53 -8.79 -22.54
N PRO C 383 20.41 -8.38 -23.49
CA PRO C 383 21.84 -8.66 -23.24
C PRO C 383 22.52 -7.56 -22.40
N ASP C 384 23.63 -7.88 -21.76
CA ASP C 384 24.38 -6.87 -21.03
C ASP C 384 24.99 -5.84 -21.99
N SER C 385 24.49 -4.59 -21.99
CA SER C 385 25.18 -3.60 -22.78
C SER C 385 26.15 -2.83 -21.89
N PHE C 386 27.26 -2.37 -22.47
CA PHE C 386 28.20 -1.54 -21.77
C PHE C 386 28.33 -0.21 -22.49
N GLY C 387 28.60 0.84 -21.73
CA GLY C 387 28.88 2.11 -22.33
C GLY C 387 30.38 2.29 -22.57
N ALA C 388 30.69 3.33 -23.34
CA ALA C 388 32.05 3.75 -23.64
C ALA C 388 32.68 4.12 -22.34
N CYS C 389 34.00 3.95 -22.23
CA CYS C 389 34.73 4.26 -20.99
C CYS C 389 34.86 5.75 -20.61
N ASP C 390 35.02 6.00 -19.32
CA ASP C 390 35.52 7.29 -18.81
C ASP C 390 36.64 6.98 -17.81
N VAL C 391 37.89 7.10 -18.28
CA VAL C 391 39.05 6.46 -17.62
C VAL C 391 39.87 7.35 -16.65
N GLN C 392 39.49 8.63 -16.51
CA GLN C 392 39.87 9.40 -15.32
C GLN C 392 39.16 8.78 -14.12
N ALA C 393 37.90 8.39 -14.32
CA ALA C 393 37.13 7.63 -13.34
C ALA C 393 37.46 6.15 -13.46
N CYS C 394 37.97 5.77 -14.63
CA CYS C 394 38.22 4.36 -15.02
C CYS C 394 36.98 3.47 -14.82
N LYS C 395 35.83 4.02 -15.19
CA LYS C 395 34.55 3.32 -15.04
C LYS C 395 33.70 3.40 -16.30
N ARG C 396 32.85 2.40 -16.48
CA ARG C 396 31.86 2.40 -17.58
C ARG C 396 30.48 1.89 -17.13
N GLN C 397 29.43 2.33 -17.82
CA GLN C 397 28.08 1.88 -17.55
C GLN C 397 27.95 0.39 -17.88
N LYS C 398 27.26 -0.34 -17.01
CA LYS C 398 26.76 -1.66 -17.35
C LYS C 398 25.24 -1.74 -17.13
N THR C 399 24.49 -2.08 -18.16
CA THR C 399 23.06 -2.27 -18.09
C THR C 399 22.70 -3.72 -18.41
N SER C 400 21.99 -4.36 -17.49
CA SER C 400 21.71 -5.80 -17.60
C SER C 400 20.39 -6.10 -16.92
N CYS C 401 19.99 -7.36 -16.94
CA CYS C 401 18.66 -7.67 -16.51
C CYS C 401 18.88 -8.71 -15.47
N VAL C 402 18.47 -8.43 -14.25
CA VAL C 402 18.64 -9.32 -13.12
C VAL C 402 17.27 -9.40 -12.42
N GLY C 403 16.74 -10.60 -12.29
CA GLY C 403 15.50 -10.74 -11.52
C GLY C 403 14.33 -10.12 -12.25
N GLY C 404 14.45 -10.02 -13.56
CA GLY C 404 13.37 -9.48 -14.42
C GLY C 404 13.23 -7.99 -14.21
N GLN C 405 14.31 -7.38 -13.73
CA GLN C 405 14.45 -5.93 -13.57
C GLN C 405 15.79 -5.35 -14.11
N ILE C 406 15.70 -4.21 -14.80
CA ILE C 406 16.93 -3.55 -15.31
C ILE C 406 17.86 -3.23 -14.15
N GLN C 407 19.12 -3.62 -14.25
CA GLN C 407 20.17 -3.28 -13.28
C GLN C 407 21.14 -2.31 -13.96
N SER C 408 21.50 -1.25 -13.28
CA SER C 408 22.32 -0.19 -13.88
C SER C 408 23.43 0.08 -12.94
N THR C 409 24.68 -0.09 -13.38
CA THR C 409 25.79 0.12 -12.44
C THR C 409 26.98 0.63 -13.19
N SER C 410 27.98 1.09 -12.46
CA SER C 410 29.26 1.41 -13.08
C SER C 410 30.27 0.35 -12.69
N VAL C 411 31.03 -0.13 -13.67
CA VAL C 411 31.98 -1.22 -13.43
C VAL C 411 33.32 -0.88 -14.07
N ASP C 412 34.28 -1.78 -13.89
CA ASP C 412 35.64 -1.72 -14.48
C ASP C 412 35.59 -1.52 -16.00
N CYS C 413 36.29 -0.50 -16.50
CA CYS C 413 36.53 -0.32 -17.96
C CYS C 413 37.29 -1.53 -18.51
N THR C 414 37.29 -1.77 -19.83
CA THR C 414 38.29 -2.71 -20.40
C THR C 414 39.64 -1.99 -20.55
N ALA C 415 39.72 -1.05 -21.51
CA ALA C 415 40.97 -0.35 -21.86
C ALA C 415 42.14 -1.30 -22.22
N ASP D 1 2.74 46.13 3.79
CA ASP D 1 1.64 46.28 4.78
C ASP D 1 0.93 44.93 4.99
N ILE D 2 0.01 44.87 5.96
CA ILE D 2 -0.57 43.60 6.37
C ILE D 2 -1.39 42.95 5.26
N VAL D 3 -2.26 43.71 4.59
CA VAL D 3 -3.07 43.09 3.56
C VAL D 3 -2.19 42.58 2.44
N GLN D 4 -1.12 43.30 2.09
CA GLN D 4 -0.29 42.80 1.01
C GLN D 4 0.43 41.48 1.42
N HIS D 5 0.91 41.45 2.65
CA HIS D 5 1.62 40.27 3.11
C HIS D 5 0.68 39.08 3.19
N MET D 6 -0.54 39.30 3.68
CA MET D 6 -1.56 38.26 3.68
C MET D 6 -1.87 37.72 2.28
N GLU D 7 -1.99 38.62 1.31
CA GLU D 7 -2.12 38.19 -0.09
C GLU D 7 -0.93 37.35 -0.57
N ASP D 8 0.29 37.83 -0.28
CA ASP D 8 1.55 37.19 -0.75
C ASP D 8 1.72 35.77 -0.19
N ILE D 9 1.14 35.51 0.98
CA ILE D 9 1.19 34.14 1.54
C ILE D 9 -0.03 33.29 1.21
N GLY D 10 -0.93 33.81 0.38
CA GLY D 10 -2.00 32.98 -0.15
C GLY D 10 -3.40 33.24 0.41
N GLY D 11 -3.57 34.37 1.11
CA GLY D 11 -4.85 34.81 1.63
C GLY D 11 -5.87 34.79 0.49
N ALA D 12 -7.06 34.26 0.75
CA ALA D 12 -7.94 33.89 -0.39
C ALA D 12 -9.07 34.89 -0.54
N PRO D 13 -9.77 34.85 -1.68
CA PRO D 13 -10.89 35.78 -1.92
C PRO D 13 -12.00 35.76 -0.83
N PRO D 14 -12.64 36.91 -0.55
CA PRO D 14 -13.72 36.80 0.45
C PRO D 14 -14.93 36.14 -0.23
N VAL D 15 -15.04 34.83 -0.10
CA VAL D 15 -15.93 34.09 -0.97
C VAL D 15 -16.98 33.46 -0.09
N SER D 16 -18.22 33.68 -0.51
CA SER D 16 -19.42 33.22 0.15
C SER D 16 -20.00 31.95 -0.44
N CYS D 17 -19.82 31.77 -1.73
CA CYS D 17 -20.37 30.59 -2.40
C CYS D 17 -19.32 30.00 -3.30
N VAL D 18 -19.42 28.70 -3.52
CA VAL D 18 -18.67 28.03 -4.56
C VAL D 18 -19.68 27.32 -5.48
N THR D 19 -19.40 27.19 -6.77
CA THR D 19 -20.21 26.27 -7.58
C THR D 19 -19.44 25.03 -7.82
N ASN D 20 -20.12 23.92 -7.59
CA ASN D 20 -19.61 22.60 -7.88
C ASN D 20 -20.49 21.88 -8.93
N GLU D 21 -19.82 21.28 -9.91
CA GLU D 21 -20.46 20.61 -11.05
C GLU D 21 -21.38 19.45 -10.69
N ILE D 22 -21.09 18.78 -9.58
CA ILE D 22 -21.90 17.67 -9.11
C ILE D 22 -23.02 18.17 -8.23
N LEU D 23 -22.75 19.16 -7.36
CA LEU D 23 -23.72 19.60 -6.36
C LEU D 23 -24.45 20.91 -6.69
N GLY D 24 -23.98 21.64 -7.70
CA GLY D 24 -24.46 23.01 -7.92
C GLY D 24 -23.90 24.03 -6.93
N VAL D 25 -24.73 25.01 -6.58
CA VAL D 25 -24.25 26.15 -5.81
C VAL D 25 -24.26 25.81 -4.33
N THR D 26 -23.19 26.17 -3.65
CA THR D 26 -23.00 25.74 -2.30
C THR D 26 -22.45 26.93 -1.46
N CYS D 27 -23.03 27.20 -0.29
CA CYS D 27 -22.73 28.47 0.40
C CYS D 27 -22.43 28.32 1.90
N ALA D 28 -21.73 29.30 2.47
CA ALA D 28 -21.64 29.44 3.91
C ALA D 28 -23.01 29.28 4.58
N PRO D 29 -23.13 28.34 5.53
CA PRO D 29 -24.36 28.18 6.33
C PRO D 29 -24.61 29.32 7.30
N GLN D 30 -23.55 30.02 7.73
CA GLN D 30 -23.66 31.18 8.61
C GLN D 30 -22.42 31.99 8.32
N ALA D 31 -22.41 33.25 8.73
CA ALA D 31 -21.26 34.12 8.47
C ALA D 31 -19.98 33.42 8.90
N ILE D 32 -19.00 33.37 7.99
CA ILE D 32 -17.67 32.85 8.36
C ILE D 32 -16.91 33.92 9.17
N ALA D 33 -15.99 33.49 10.02
CA ALA D 33 -15.17 34.43 10.77
C ALA D 33 -14.45 35.35 9.77
N LYS D 34 -14.54 36.67 10.01
CA LYS D 34 -14.12 37.64 8.99
C LYS D 34 -12.63 37.60 8.62
N ALA D 35 -11.77 37.33 9.61
CA ALA D 35 -10.35 37.17 9.33
C ALA D 35 -10.00 35.96 8.41
N THR D 36 -10.84 34.92 8.42
CA THR D 36 -10.61 33.74 7.58
C THR D 36 -10.86 34.08 6.11
C1 NAG E . 5.86 -23.69 15.43
C2 NAG E . 7.04 -23.82 16.40
C3 NAG E . 7.00 -25.23 16.97
C4 NAG E . 5.63 -25.46 17.61
C5 NAG E . 4.51 -25.26 16.59
C6 NAG E . 3.19 -25.54 17.32
C7 NAG E . 9.21 -22.77 15.96
C8 NAG E . 8.97 -21.65 16.90
N2 NAG E . 8.33 -23.73 15.74
O3 NAG E . 7.93 -25.22 18.02
O4 NAG E . 5.56 -26.74 18.19
O5 NAG E . 4.66 -23.90 16.22
O6 NAG E . 2.79 -24.34 17.97
O7 NAG E . 10.26 -22.76 15.31
C1 NAG F . 12.73 18.71 -16.72
C2 NAG F . 13.98 18.67 -17.60
C3 NAG F . 14.38 20.09 -18.03
C4 NAG F . 13.21 20.87 -18.62
C5 NAG F . 12.07 20.81 -17.61
C6 NAG F . 10.89 21.65 -18.06
C7 NAG F . 15.51 16.79 -17.28
C8 NAG F . 14.65 16.02 -18.21
N2 NAG F . 15.15 18.04 -16.98
O3 NAG F . 15.48 20.01 -18.90
O4 NAG F . 13.61 22.23 -18.80
O5 NAG F . 11.70 19.44 -17.39
O6 NAG F . 10.02 20.87 -18.86
O7 NAG F . 16.49 16.23 -16.79
B BO3 G . -2.33 17.77 17.88
O1 BO3 G . -1.42 18.95 18.20
O2 BO3 G . -2.08 17.05 16.57
O3 BO3 G . -3.20 17.08 18.95
B BO3 H . -3.24 36.91 -14.86
O1 BO3 H . -2.20 37.49 -13.91
O2 BO3 H . -2.93 36.85 -16.35
O3 BO3 H . -4.68 36.64 -14.36
#